data_5GJL
#
_entry.id   5GJL
#
_entity_poly.entity_id   1
_entity_poly.type   'polypeptide(L)'
_entity_poly.pdbx_seq_one_letter_code
;MGDDDSAVNNNGSSPVNNQGEHIQVKVRSPDGAEVFFKIKRKTKLEKLMEVYCNRLGQSMEAVRFLYDGDRIHGDNTPEQ
LGIEDGDVIDAMVQQTGG
;
_entity_poly.pdbx_strand_id   A
#
# COMPACT_ATOMS: atom_id res chain seq x y z
N MET A 1 25.98 26.50 -28.21
CA MET A 1 24.51 26.34 -28.28
C MET A 1 23.89 26.80 -26.96
N GLY A 2 23.54 28.08 -26.92
CA GLY A 2 23.21 28.71 -25.66
C GLY A 2 21.83 28.39 -25.14
N ASP A 3 21.77 27.53 -24.14
CA ASP A 3 20.52 27.28 -23.42
C ASP A 3 20.47 28.17 -22.19
N ASP A 4 19.31 28.70 -21.89
CA ASP A 4 19.15 29.61 -20.77
C ASP A 4 19.01 28.87 -19.45
N ASP A 5 18.50 27.64 -19.53
CA ASP A 5 18.18 26.85 -18.35
C ASP A 5 19.41 26.62 -17.47
N SER A 6 20.54 26.32 -18.09
CA SER A 6 21.75 26.01 -17.35
C SER A 6 22.38 27.28 -16.76
N ALA A 7 21.88 28.44 -17.17
CA ALA A 7 22.47 29.70 -16.72
C ALA A 7 21.43 30.65 -16.16
N VAL A 8 20.25 30.12 -15.85
CA VAL A 8 19.13 30.94 -15.40
C VAL A 8 19.28 31.35 -13.94
N ASN A 9 20.19 30.68 -13.22
CA ASN A 9 20.40 30.93 -11.79
C ASN A 9 19.13 30.55 -11.03
N ASN A 10 19.00 31.00 -9.77
CA ASN A 10 17.83 30.71 -8.95
C ASN A 10 17.77 29.23 -8.59
N ASN A 11 18.93 28.59 -8.61
CA ASN A 11 19.05 27.18 -8.26
C ASN A 11 18.94 27.00 -6.75
N GLY A 12 18.56 25.81 -6.33
CA GLY A 12 18.43 25.53 -4.92
C GLY A 12 17.18 24.74 -4.63
N SER A 13 17.09 24.19 -3.43
CA SER A 13 15.92 23.44 -3.02
C SER A 13 15.42 23.92 -1.67
N SER A 14 14.35 24.69 -1.70
CA SER A 14 13.74 25.18 -0.49
C SER A 14 12.84 24.11 0.12
N PRO A 15 12.53 24.20 1.43
CA PRO A 15 11.68 23.23 2.11
C PRO A 15 10.20 23.36 1.71
N VAL A 16 9.95 23.48 0.42
CA VAL A 16 8.59 23.55 -0.10
C VAL A 16 8.00 22.14 -0.22
N ASN A 17 7.73 21.55 0.93
CA ASN A 17 7.21 20.20 1.02
C ASN A 17 6.82 19.90 2.47
N ASN A 18 5.70 19.24 2.66
CA ASN A 18 5.27 18.87 3.99
C ASN A 18 5.28 17.35 4.12
N GLN A 19 5.37 16.85 5.35
CA GLN A 19 5.54 15.42 5.58
C GLN A 19 4.32 14.63 5.08
N GLY A 20 3.14 15.17 5.30
CA GLY A 20 1.93 14.49 4.89
C GLY A 20 1.49 14.83 3.47
N GLU A 21 2.44 15.30 2.67
CA GLU A 21 2.16 15.60 1.26
C GLU A 21 2.04 14.31 0.46
N HIS A 22 2.78 13.30 0.92
CA HIS A 22 2.82 12.03 0.23
C HIS A 22 1.74 11.09 0.75
N ILE A 23 1.79 9.84 0.36
CA ILE A 23 0.76 8.89 0.72
C ILE A 23 1.30 7.88 1.74
N GLN A 24 0.41 7.26 2.48
CA GLN A 24 0.79 6.32 3.53
C GLN A 24 -0.23 5.19 3.59
N VAL A 25 0.27 3.98 3.68
CA VAL A 25 -0.57 2.80 3.71
C VAL A 25 0.02 1.78 4.67
N LYS A 26 -0.82 1.11 5.43
CA LYS A 26 -0.34 0.08 6.34
C LYS A 26 -0.76 -1.30 5.89
N VAL A 27 0.22 -2.13 5.61
CA VAL A 27 -0.04 -3.45 5.20
C VAL A 27 0.00 -4.30 6.44
N ARG A 28 -1.17 -4.57 6.98
CA ARG A 28 -1.28 -5.24 8.24
C ARG A 28 -0.80 -6.64 8.05
N SER A 29 0.37 -6.90 8.56
CA SER A 29 0.86 -8.24 8.58
C SER A 29 -0.15 -9.08 9.36
N PRO A 30 -0.67 -10.15 8.75
CA PRO A 30 -1.90 -10.83 9.22
C PRO A 30 -1.73 -11.61 10.51
N ASP A 31 -0.96 -11.07 11.44
CA ASP A 31 -0.68 -11.79 12.68
C ASP A 31 -0.91 -10.90 13.89
N GLY A 32 -1.61 -9.80 13.68
CA GLY A 32 -1.85 -8.87 14.76
C GLY A 32 -0.82 -7.77 14.81
N ALA A 33 -0.20 -7.51 13.67
CA ALA A 33 0.78 -6.44 13.55
C ALA A 33 0.51 -5.65 12.28
N GLU A 34 1.06 -4.45 12.20
CA GLU A 34 0.77 -3.57 11.09
C GLU A 34 1.94 -2.64 10.85
N VAL A 35 2.57 -2.79 9.69
CA VAL A 35 3.77 -2.05 9.39
C VAL A 35 3.44 -0.87 8.49
N PHE A 36 3.89 0.31 8.88
CA PHE A 36 3.61 1.51 8.14
C PHE A 36 4.42 1.54 6.84
N PHE A 37 3.70 1.60 5.75
CA PHE A 37 4.29 1.73 4.44
C PHE A 37 3.94 3.11 3.89
N LYS A 38 4.61 3.52 2.84
CA LYS A 38 4.45 4.88 2.36
C LYS A 38 4.54 4.94 0.85
N ILE A 39 3.78 5.86 0.28
CA ILE A 39 3.81 6.09 -1.15
C ILE A 39 4.33 7.49 -1.41
N LYS A 40 5.23 7.66 -2.35
CA LYS A 40 5.87 8.95 -2.57
C LYS A 40 5.39 9.59 -3.86
N ARG A 41 5.72 8.96 -4.97
CA ARG A 41 5.20 9.38 -6.28
C ARG A 41 3.91 8.61 -6.55
N LYS A 42 3.30 8.81 -7.70
CA LYS A 42 2.16 7.98 -8.06
C LYS A 42 2.61 6.53 -8.21
N THR A 43 2.35 5.74 -7.19
CA THR A 43 2.74 4.35 -7.20
C THR A 43 1.60 3.48 -6.72
N LYS A 44 0.98 2.78 -7.67
CA LYS A 44 -0.10 1.85 -7.38
C LYS A 44 0.33 0.74 -6.41
N LEU A 45 -0.60 -0.16 -6.10
CA LEU A 45 -0.42 -1.14 -5.03
C LEU A 45 0.66 -2.17 -5.36
N GLU A 46 1.12 -2.16 -6.60
CA GLU A 46 2.09 -3.15 -7.06
C GLU A 46 3.38 -3.13 -6.22
N LYS A 47 3.99 -1.97 -6.07
CA LYS A 47 5.24 -1.89 -5.30
C LYS A 47 4.97 -2.09 -3.80
N LEU A 48 3.79 -1.68 -3.36
CA LEU A 48 3.38 -1.84 -1.97
C LEU A 48 3.38 -3.31 -1.57
N MET A 49 2.98 -4.16 -2.51
CA MET A 49 2.91 -5.59 -2.24
C MET A 49 4.26 -6.27 -2.49
N GLU A 50 5.01 -5.78 -3.48
CA GLU A 50 6.28 -6.40 -3.85
C GLU A 50 7.37 -6.12 -2.83
N VAL A 51 7.42 -4.90 -2.32
CA VAL A 51 8.36 -4.57 -1.25
C VAL A 51 8.05 -5.43 -0.02
N TYR A 52 6.77 -5.78 0.12
CA TYR A 52 6.33 -6.67 1.18
C TYR A 52 6.75 -8.11 0.87
N CYS A 53 6.58 -8.52 -0.39
CA CYS A 53 7.09 -9.81 -0.86
C CYS A 53 8.55 -9.98 -0.49
N ASN A 54 9.35 -8.99 -0.84
CA ASN A 54 10.78 -9.02 -0.59
C ASN A 54 11.07 -8.90 0.90
N ARG A 55 10.17 -8.26 1.64
CA ARG A 55 10.38 -8.00 3.06
C ARG A 55 10.29 -9.28 3.88
N LEU A 56 9.31 -10.12 3.57
CA LEU A 56 9.12 -11.36 4.32
C LEU A 56 9.77 -12.54 3.62
N GLY A 57 10.28 -12.32 2.42
CA GLY A 57 10.89 -13.39 1.66
C GLY A 57 9.85 -14.34 1.11
N GLN A 58 8.69 -13.80 0.78
CA GLN A 58 7.61 -14.59 0.22
C GLN A 58 6.78 -13.69 -0.70
N SER A 59 6.52 -14.14 -1.92
CA SER A 59 5.92 -13.28 -2.91
C SER A 59 4.39 -13.27 -2.87
N MET A 60 3.79 -12.47 -3.75
CA MET A 60 2.39 -12.08 -3.64
C MET A 60 1.40 -13.20 -4.02
N GLU A 61 1.86 -14.24 -4.71
CA GLU A 61 0.99 -15.38 -4.96
C GLU A 61 0.86 -16.22 -3.69
N ALA A 62 1.74 -15.95 -2.74
CA ALA A 62 1.71 -16.61 -1.46
C ALA A 62 1.22 -15.66 -0.37
N VAL A 63 0.86 -14.44 -0.77
CA VAL A 63 0.21 -13.49 0.11
C VAL A 63 -0.91 -12.74 -0.61
N ARG A 64 -2.14 -13.13 -0.33
CA ARG A 64 -3.32 -12.52 -0.94
C ARG A 64 -3.47 -11.10 -0.40
N PHE A 65 -3.28 -10.13 -1.26
CA PHE A 65 -3.33 -8.73 -0.85
C PHE A 65 -4.74 -8.15 -1.00
N LEU A 66 -5.37 -7.90 0.14
CA LEU A 66 -6.68 -7.27 0.19
C LEU A 66 -6.55 -5.83 0.65
N TYR A 67 -7.16 -4.88 -0.04
CA TYR A 67 -7.11 -3.51 0.44
C TYR A 67 -8.50 -2.92 0.53
N ASP A 68 -8.71 -2.10 1.56
CA ASP A 68 -10.05 -1.60 1.91
C ASP A 68 -10.98 -2.78 2.22
N GLY A 69 -10.36 -3.91 2.56
CA GLY A 69 -11.13 -5.09 2.91
C GLY A 69 -11.27 -6.07 1.77
N ASP A 70 -11.02 -5.62 0.54
CA ASP A 70 -11.25 -6.44 -0.63
C ASP A 70 -9.98 -6.60 -1.47
N ARG A 71 -9.61 -7.86 -1.72
CA ARG A 71 -8.48 -8.17 -2.59
C ARG A 71 -8.76 -7.73 -4.02
N ILE A 72 -7.70 -7.41 -4.75
CA ILE A 72 -7.83 -6.89 -6.11
C ILE A 72 -6.44 -6.85 -6.75
N HIS A 73 -6.32 -6.28 -7.94
CA HIS A 73 -5.02 -6.18 -8.59
C HIS A 73 -4.28 -4.92 -8.13
N GLY A 74 -2.96 -4.99 -8.10
CA GLY A 74 -2.17 -3.87 -7.66
C GLY A 74 -2.25 -2.69 -8.60
N ASP A 75 -2.63 -2.97 -9.85
CA ASP A 75 -2.71 -1.95 -10.89
C ASP A 75 -3.99 -1.12 -10.75
N ASN A 76 -4.85 -1.51 -9.82
CA ASN A 76 -6.13 -0.81 -9.63
C ASN A 76 -5.92 0.57 -9.00
N THR A 77 -4.79 0.73 -8.31
CA THR A 77 -4.41 1.98 -7.61
C THR A 77 -5.36 2.28 -6.43
N PRO A 78 -4.91 3.09 -5.46
CA PRO A 78 -5.69 3.40 -4.26
C PRO A 78 -6.90 4.29 -4.53
N GLU A 79 -6.66 5.49 -5.06
CA GLU A 79 -7.71 6.51 -5.19
C GLU A 79 -8.83 6.06 -6.13
N GLN A 80 -8.54 5.08 -6.96
CA GLN A 80 -9.50 4.57 -7.93
C GLN A 80 -10.70 3.95 -7.22
N LEU A 81 -10.50 3.50 -6.00
CA LEU A 81 -11.57 2.90 -5.22
C LEU A 81 -12.27 3.97 -4.38
N GLY A 82 -11.53 4.99 -4.01
CA GLY A 82 -12.09 6.06 -3.22
C GLY A 82 -11.36 6.24 -1.91
N ILE A 83 -10.61 5.21 -1.51
CA ILE A 83 -9.80 5.26 -0.31
C ILE A 83 -8.35 5.48 -0.68
N GLU A 84 -7.68 6.35 0.05
CA GLU A 84 -6.28 6.65 -0.19
C GLU A 84 -5.60 7.00 1.14
N ASP A 85 -4.53 7.80 1.09
CA ASP A 85 -3.64 8.10 2.24
C ASP A 85 -4.28 7.85 3.59
N GLY A 86 -3.76 6.87 4.30
CA GLY A 86 -4.34 6.46 5.56
C GLY A 86 -5.00 5.11 5.45
N ASP A 87 -4.85 4.50 4.27
CA ASP A 87 -5.48 3.23 3.96
C ASP A 87 -4.61 2.07 4.44
N VAL A 88 -5.15 0.86 4.34
CA VAL A 88 -4.45 -0.33 4.80
C VAL A 88 -4.63 -1.49 3.82
N ILE A 89 -3.72 -2.45 3.89
CA ILE A 89 -3.74 -3.62 3.03
C ILE A 89 -3.47 -4.85 3.88
N ASP A 90 -4.19 -5.92 3.63
CA ASP A 90 -4.05 -7.13 4.41
C ASP A 90 -3.60 -8.26 3.50
N ALA A 91 -2.52 -8.92 3.85
CA ALA A 91 -2.01 -10.00 3.02
C ALA A 91 -2.17 -11.34 3.74
N MET A 92 -2.97 -12.21 3.16
CA MET A 92 -3.24 -13.51 3.76
C MET A 92 -2.41 -14.59 3.09
N VAL A 93 -2.39 -15.78 3.67
CA VAL A 93 -1.55 -16.86 3.14
C VAL A 93 -2.06 -17.34 1.78
N GLN A 94 -1.39 -16.88 0.72
CA GLN A 94 -1.68 -17.30 -0.65
C GLN A 94 -3.07 -16.86 -1.10
N GLN A 95 -3.35 -17.08 -2.37
CA GLN A 95 -4.61 -16.63 -2.97
C GLN A 95 -5.79 -17.47 -2.48
N THR A 96 -5.60 -18.77 -2.39
CA THR A 96 -6.69 -19.67 -2.01
C THR A 96 -6.49 -20.20 -0.59
N GLY A 97 -5.54 -19.63 0.11
CA GLY A 97 -5.21 -20.12 1.45
C GLY A 97 -4.17 -21.22 1.39
N GLY A 98 -3.96 -21.73 0.18
CA GLY A 98 -2.99 -22.77 -0.03
C GLY A 98 -2.97 -23.19 -1.48
N MET A 1 -15.54 -16.77 6.12
CA MET A 1 -16.72 -16.08 5.56
C MET A 1 -16.31 -15.26 4.35
N GLY A 2 -17.29 -14.80 3.58
CA GLY A 2 -17.00 -14.00 2.41
C GLY A 2 -18.12 -13.02 2.11
N ASP A 3 -17.77 -11.74 2.01
CA ASP A 3 -18.76 -10.70 1.76
C ASP A 3 -19.04 -10.56 0.27
N ASP A 4 -20.29 -10.25 -0.06
CA ASP A 4 -20.73 -10.05 -1.44
C ASP A 4 -20.51 -8.61 -1.87
N ASP A 5 -20.32 -7.73 -0.89
CA ASP A 5 -20.30 -6.28 -1.11
C ASP A 5 -19.25 -5.85 -2.13
N SER A 6 -18.21 -6.66 -2.29
CA SER A 6 -17.15 -6.40 -3.25
C SER A 6 -17.71 -6.21 -4.68
N ALA A 7 -18.87 -6.83 -4.94
CA ALA A 7 -19.48 -6.80 -6.26
C ALA A 7 -19.80 -5.37 -6.70
N VAL A 8 -20.22 -4.55 -5.74
CA VAL A 8 -20.55 -3.16 -6.04
C VAL A 8 -19.40 -2.24 -5.61
N ASN A 9 -18.56 -2.73 -4.72
CA ASN A 9 -17.48 -1.93 -4.15
C ASN A 9 -16.45 -1.52 -5.21
N ASN A 10 -16.30 -2.34 -6.25
CA ASN A 10 -15.29 -2.07 -7.26
C ASN A 10 -15.72 -0.94 -8.19
N ASN A 11 -15.03 0.18 -8.11
CA ASN A 11 -15.25 1.29 -9.02
C ASN A 11 -14.01 1.56 -9.86
N GLY A 12 -13.94 0.89 -10.99
CA GLY A 12 -12.78 1.03 -11.86
C GLY A 12 -12.89 2.25 -12.75
N SER A 13 -12.66 3.42 -12.17
CA SER A 13 -12.73 4.67 -12.91
C SER A 13 -11.31 5.11 -13.29
N SER A 14 -11.20 6.30 -13.86
CA SER A 14 -9.90 6.84 -14.24
C SER A 14 -9.83 8.35 -13.99
N PRO A 15 -9.86 8.77 -12.72
CA PRO A 15 -9.73 10.19 -12.34
C PRO A 15 -8.27 10.62 -12.31
N VAL A 16 -7.51 10.00 -11.43
CA VAL A 16 -6.07 10.25 -11.30
C VAL A 16 -5.79 11.72 -11.00
N ASN A 17 -6.05 12.12 -9.77
CA ASN A 17 -5.71 13.46 -9.31
C ASN A 17 -4.26 13.48 -8.84
N ASN A 18 -3.34 13.36 -9.80
CA ASN A 18 -1.93 13.33 -9.49
C ASN A 18 -1.38 14.74 -9.32
N GLN A 19 -1.22 15.15 -8.07
CA GLN A 19 -0.67 16.45 -7.76
C GLN A 19 0.70 16.31 -7.13
N GLY A 20 1.13 15.06 -6.97
CA GLY A 20 2.40 14.80 -6.33
C GLY A 20 2.26 14.69 -4.83
N GLU A 21 1.05 14.36 -4.39
CA GLU A 21 0.76 14.25 -2.97
C GLU A 21 1.32 12.93 -2.41
N HIS A 22 1.66 12.95 -1.13
CA HIS A 22 2.26 11.79 -0.49
C HIS A 22 1.18 10.95 0.19
N ILE A 23 1.18 9.67 -0.10
CA ILE A 23 0.18 8.76 0.43
C ILE A 23 0.84 7.81 1.46
N GLN A 24 0.03 7.12 2.23
CA GLN A 24 0.53 6.28 3.31
C GLN A 24 -0.40 5.09 3.49
N VAL A 25 0.19 3.92 3.73
CA VAL A 25 -0.59 2.70 3.91
C VAL A 25 0.02 1.84 5.02
N LYS A 26 -0.68 0.78 5.37
CA LYS A 26 -0.18 -0.19 6.32
C LYS A 26 -0.58 -1.58 5.89
N VAL A 27 0.38 -2.41 5.57
CA VAL A 27 0.08 -3.73 5.12
C VAL A 27 0.16 -4.62 6.31
N ARG A 28 -0.98 -4.86 6.94
CA ARG A 28 -1.01 -5.71 8.09
C ARG A 28 -0.70 -7.09 7.63
N SER A 29 0.52 -7.47 7.90
CA SER A 29 1.01 -8.75 7.50
C SER A 29 0.19 -9.84 8.19
N PRO A 30 0.17 -11.07 7.64
CA PRO A 30 -0.68 -12.17 8.14
C PRO A 30 -0.33 -12.65 9.55
N ASP A 31 0.06 -11.71 10.40
CA ASP A 31 0.42 -12.02 11.77
C ASP A 31 -0.27 -11.06 12.73
N GLY A 32 -0.81 -9.98 12.17
CA GLY A 32 -1.40 -8.93 12.99
C GLY A 32 -0.45 -7.75 13.11
N ALA A 33 0.74 -7.91 12.54
CA ALA A 33 1.74 -6.85 12.55
C ALA A 33 1.46 -5.88 11.41
N GLU A 34 1.21 -4.64 11.76
CA GLU A 34 0.85 -3.64 10.78
C GLU A 34 1.91 -2.56 10.75
N VAL A 35 2.79 -2.61 9.75
CA VAL A 35 3.89 -1.68 9.64
C VAL A 35 3.58 -0.63 8.59
N PHE A 36 3.85 0.63 8.91
CA PHE A 36 3.52 1.73 8.02
C PHE A 36 4.42 1.74 6.79
N PHE A 37 3.78 1.88 5.65
CA PHE A 37 4.47 2.02 4.38
C PHE A 37 3.95 3.27 3.70
N LYS A 38 4.65 3.78 2.72
CA LYS A 38 4.28 5.08 2.17
C LYS A 38 4.35 5.10 0.65
N ILE A 39 3.60 6.03 0.09
CA ILE A 39 3.55 6.26 -1.34
C ILE A 39 4.02 7.69 -1.62
N LYS A 40 4.86 7.90 -2.62
CA LYS A 40 5.43 9.24 -2.83
C LYS A 40 4.91 9.89 -4.10
N ARG A 41 4.55 9.06 -5.06
CA ARG A 41 3.99 9.52 -6.32
C ARG A 41 2.98 8.49 -6.77
N LYS A 42 2.37 8.65 -7.94
CA LYS A 42 1.46 7.62 -8.41
C LYS A 42 2.21 6.31 -8.59
N THR A 43 2.07 5.45 -7.60
CA THR A 43 2.64 4.12 -7.63
C THR A 43 1.56 3.11 -7.30
N LYS A 44 1.21 2.28 -8.27
CA LYS A 44 0.22 1.23 -8.07
C LYS A 44 0.50 0.41 -6.80
N LEU A 45 -0.56 -0.15 -6.26
CA LEU A 45 -0.51 -0.85 -4.96
C LEU A 45 0.41 -2.08 -5.02
N GLU A 46 0.79 -2.46 -6.22
CA GLU A 46 1.66 -3.62 -6.44
C GLU A 46 2.97 -3.48 -5.68
N LYS A 47 3.59 -2.30 -5.73
CA LYS A 47 4.88 -2.11 -5.11
C LYS A 47 4.75 -2.14 -3.58
N LEU A 48 3.60 -1.71 -3.08
CA LEU A 48 3.33 -1.70 -1.64
C LEU A 48 3.38 -3.13 -1.10
N MET A 49 2.97 -4.08 -1.92
CA MET A 49 2.90 -5.48 -1.50
C MET A 49 4.13 -6.27 -1.96
N GLU A 50 4.74 -5.88 -3.08
CA GLU A 50 5.90 -6.62 -3.58
C GLU A 50 7.16 -6.27 -2.80
N VAL A 51 7.27 -5.03 -2.35
CA VAL A 51 8.36 -4.67 -1.44
C VAL A 51 8.18 -5.45 -0.14
N TYR A 52 6.92 -5.71 0.21
CA TYR A 52 6.61 -6.49 1.40
C TYR A 52 6.96 -7.96 1.19
N CYS A 53 6.85 -8.44 -0.05
CA CYS A 53 7.30 -9.79 -0.40
C CYS A 53 8.72 -10.02 0.10
N ASN A 54 9.59 -9.05 -0.17
CA ASN A 54 10.99 -9.15 0.23
C ASN A 54 11.16 -8.84 1.71
N ARG A 55 10.30 -7.96 2.22
CA ARG A 55 10.37 -7.54 3.62
C ARG A 55 9.98 -8.68 4.55
N LEU A 56 8.97 -9.44 4.16
CA LEU A 56 8.49 -10.55 4.99
C LEU A 56 9.25 -11.83 4.67
N GLY A 57 9.84 -11.89 3.48
CA GLY A 57 10.59 -13.06 3.08
C GLY A 57 9.75 -14.02 2.28
N GLN A 58 8.48 -13.68 2.12
CA GLN A 58 7.56 -14.51 1.35
C GLN A 58 6.93 -13.67 0.26
N SER A 59 6.96 -14.17 -0.96
CA SER A 59 6.49 -13.40 -2.11
C SER A 59 4.96 -13.46 -2.26
N MET A 60 4.46 -12.75 -3.28
CA MET A 60 3.05 -12.37 -3.35
C MET A 60 2.11 -13.51 -3.78
N GLU A 61 2.63 -14.60 -4.33
CA GLU A 61 1.77 -15.73 -4.71
C GLU A 61 1.33 -16.50 -3.46
N ALA A 62 1.95 -16.17 -2.34
CA ALA A 62 1.65 -16.80 -1.07
C ALA A 62 0.92 -15.82 -0.15
N VAL A 63 0.49 -14.69 -0.71
CA VAL A 63 -0.32 -13.73 0.03
C VAL A 63 -1.45 -13.14 -0.84
N ARG A 64 -2.69 -13.31 -0.39
CA ARG A 64 -3.83 -12.70 -1.05
C ARG A 64 -4.02 -11.29 -0.55
N PHE A 65 -3.81 -10.33 -1.43
CA PHE A 65 -3.86 -8.92 -1.09
C PHE A 65 -5.29 -8.36 -1.08
N LEU A 66 -5.72 -7.91 0.08
CA LEU A 66 -7.00 -7.20 0.21
C LEU A 66 -6.74 -5.74 0.52
N TYR A 67 -7.37 -4.85 -0.24
CA TYR A 67 -7.16 -3.42 -0.06
C TYR A 67 -8.37 -2.78 0.59
N ASP A 68 -8.14 -2.00 1.65
CA ASP A 68 -9.22 -1.43 2.46
C ASP A 68 -10.11 -2.55 3.00
N GLY A 69 -9.54 -3.74 3.09
CA GLY A 69 -10.28 -4.89 3.57
C GLY A 69 -10.97 -5.64 2.46
N ASP A 70 -10.82 -5.16 1.22
CA ASP A 70 -11.43 -5.82 0.07
C ASP A 70 -10.39 -6.11 -1.01
N ARG A 71 -10.29 -7.38 -1.36
CA ARG A 71 -9.35 -7.86 -2.38
C ARG A 71 -9.58 -7.20 -3.73
N ILE A 72 -8.63 -6.37 -4.12
CA ILE A 72 -8.64 -5.73 -5.44
C ILE A 72 -7.28 -6.03 -6.08
N HIS A 73 -6.95 -5.36 -7.18
CA HIS A 73 -5.64 -5.51 -7.79
C HIS A 73 -4.87 -4.19 -7.73
N GLY A 74 -3.55 -4.30 -7.65
CA GLY A 74 -2.72 -3.15 -7.33
C GLY A 74 -2.74 -2.06 -8.38
N ASP A 75 -2.85 -2.44 -9.65
CA ASP A 75 -2.82 -1.48 -10.75
C ASP A 75 -4.02 -0.54 -10.72
N ASN A 76 -5.02 -0.87 -9.90
CA ASN A 76 -6.20 -0.03 -9.77
C ASN A 76 -5.86 1.25 -9.04
N THR A 77 -4.80 1.19 -8.22
CA THR A 77 -4.30 2.31 -7.41
C THR A 77 -5.34 2.82 -6.39
N PRO A 78 -4.88 3.41 -5.28
CA PRO A 78 -5.76 3.98 -4.26
C PRO A 78 -6.58 5.15 -4.79
N GLU A 79 -5.89 6.06 -5.48
CA GLU A 79 -6.49 7.24 -6.10
C GLU A 79 -7.77 6.88 -6.88
N GLN A 80 -7.70 5.79 -7.61
CA GLN A 80 -8.79 5.37 -8.46
C GLN A 80 -9.78 4.47 -7.70
N LEU A 81 -9.35 3.95 -6.56
CA LEU A 81 -10.16 2.98 -5.82
C LEU A 81 -11.13 3.67 -4.86
N GLY A 82 -10.73 4.83 -4.34
CA GLY A 82 -11.59 5.57 -3.44
C GLY A 82 -11.04 5.57 -2.05
N ILE A 83 -10.15 4.63 -1.78
CA ILE A 83 -9.39 4.62 -0.56
C ILE A 83 -8.08 5.36 -0.81
N GLU A 84 -7.61 6.08 0.18
CA GLU A 84 -6.46 6.92 -0.01
C GLU A 84 -5.58 6.85 1.24
N ASP A 85 -4.82 7.92 1.52
CA ASP A 85 -3.90 7.96 2.65
C ASP A 85 -4.54 7.43 3.93
N GLY A 86 -3.97 6.36 4.46
CA GLY A 86 -4.47 5.75 5.68
C GLY A 86 -4.97 4.35 5.42
N ASP A 87 -4.79 3.87 4.20
CA ASP A 87 -5.29 2.56 3.79
C ASP A 87 -4.44 1.44 4.39
N VAL A 88 -5.02 0.26 4.46
CA VAL A 88 -4.32 -0.91 4.95
C VAL A 88 -4.50 -2.07 3.98
N ILE A 89 -3.47 -2.90 3.88
CA ILE A 89 -3.48 -4.01 2.97
C ILE A 89 -3.33 -5.31 3.76
N ASP A 90 -4.32 -6.17 3.66
CA ASP A 90 -4.31 -7.42 4.40
C ASP A 90 -3.94 -8.56 3.48
N ALA A 91 -2.94 -9.33 3.87
CA ALA A 91 -2.50 -10.46 3.07
C ALA A 91 -2.84 -11.79 3.73
N MET A 92 -3.66 -12.58 3.04
CA MET A 92 -4.01 -13.93 3.50
C MET A 92 -3.04 -14.95 2.92
N VAL A 93 -3.12 -16.19 3.42
CA VAL A 93 -2.22 -17.24 2.95
C VAL A 93 -2.52 -17.65 1.51
N GLN A 94 -1.60 -17.28 0.63
CA GLN A 94 -1.71 -17.55 -0.80
C GLN A 94 -2.91 -16.86 -1.42
N GLN A 95 -3.12 -17.08 -2.71
CA GLN A 95 -4.17 -16.39 -3.44
C GLN A 95 -5.55 -16.96 -3.12
N THR A 96 -5.61 -17.89 -2.18
CA THR A 96 -6.86 -18.54 -1.81
C THR A 96 -7.42 -19.32 -2.98
N GLY A 97 -6.84 -20.49 -3.23
CA GLY A 97 -7.25 -21.32 -4.34
C GLY A 97 -6.25 -22.43 -4.58
N GLY A 98 -5.03 -22.20 -4.16
CA GLY A 98 -3.99 -23.21 -4.29
C GLY A 98 -3.14 -22.99 -5.50
N MET A 1 -16.97 -1.13 26.01
CA MET A 1 -16.95 0.34 26.21
C MET A 1 -16.60 1.04 24.90
N GLY A 2 -16.13 0.28 23.91
CA GLY A 2 -15.65 0.85 22.69
C GLY A 2 -14.26 1.43 22.86
N ASP A 3 -13.89 2.34 21.98
CA ASP A 3 -12.60 3.00 22.07
C ASP A 3 -12.64 4.28 21.23
N ASP A 4 -11.49 4.79 20.85
CA ASP A 4 -11.43 5.98 20.03
C ASP A 4 -11.71 5.65 18.57
N ASP A 5 -11.36 4.43 18.17
CA ASP A 5 -11.53 3.99 16.79
C ASP A 5 -12.99 3.81 16.44
N SER A 6 -13.81 3.51 17.43
CA SER A 6 -15.23 3.25 17.21
C SER A 6 -16.01 4.55 17.00
N ALA A 7 -15.38 5.68 17.26
CA ALA A 7 -16.04 6.97 17.10
C ALA A 7 -15.27 7.91 16.19
N VAL A 8 -14.27 7.36 15.48
CA VAL A 8 -13.40 8.18 14.64
C VAL A 8 -14.12 8.60 13.35
N ASN A 9 -15.18 7.88 13.00
CA ASN A 9 -15.94 8.17 11.78
C ASN A 9 -17.07 9.16 12.09
N ASN A 10 -16.90 9.94 13.15
CA ASN A 10 -17.90 10.92 13.58
C ASN A 10 -18.26 11.87 12.42
N ASN A 11 -17.25 12.58 11.92
CA ASN A 11 -17.46 13.46 10.77
C ASN A 11 -16.15 13.71 10.04
N GLY A 12 -15.73 12.72 9.25
CA GLY A 12 -14.51 12.83 8.47
C GLY A 12 -13.28 13.05 9.34
N SER A 13 -12.37 13.88 8.85
CA SER A 13 -11.13 14.20 9.57
C SER A 13 -10.62 15.57 9.12
N SER A 14 -11.55 16.40 8.65
CA SER A 14 -11.25 17.73 8.12
C SER A 14 -10.57 17.63 6.76
N PRO A 15 -11.31 17.87 5.68
CA PRO A 15 -10.82 17.73 4.31
C PRO A 15 -10.01 18.94 3.84
N VAL A 16 -9.48 19.69 4.78
CA VAL A 16 -8.63 20.84 4.44
C VAL A 16 -7.17 20.41 4.40
N ASN A 17 -6.93 19.19 4.82
CA ASN A 17 -5.58 18.64 4.86
C ASN A 17 -5.12 18.20 3.47
N ASN A 18 -4.51 19.11 2.73
CA ASN A 18 -3.94 18.79 1.44
C ASN A 18 -2.43 19.00 1.46
N GLN A 19 -1.74 18.07 2.10
CA GLN A 19 -0.30 18.13 2.22
C GLN A 19 0.29 16.80 1.74
N GLY A 20 -0.52 16.08 0.96
CA GLY A 20 -0.15 14.75 0.52
C GLY A 20 0.90 14.77 -0.59
N GLU A 21 2.14 15.05 -0.22
CA GLU A 21 3.27 14.86 -1.13
C GLU A 21 3.52 13.37 -1.27
N HIS A 22 3.22 12.65 -0.21
CA HIS A 22 3.41 11.21 -0.18
C HIS A 22 2.15 10.52 0.31
N ILE A 23 2.02 9.25 -0.01
CA ILE A 23 0.84 8.49 0.36
C ILE A 23 1.25 7.46 1.43
N GLN A 24 0.28 6.85 2.09
CA GLN A 24 0.56 5.98 3.22
C GLN A 24 -0.42 4.82 3.23
N VAL A 25 0.09 3.64 3.53
CA VAL A 25 -0.74 2.46 3.64
C VAL A 25 -0.12 1.48 4.62
N LYS A 26 -0.94 0.83 5.42
CA LYS A 26 -0.46 -0.17 6.35
C LYS A 26 -0.74 -1.55 5.79
N VAL A 27 0.31 -2.35 5.65
CA VAL A 27 0.16 -3.64 5.07
C VAL A 27 0.15 -4.60 6.22
N ARG A 28 -1.05 -4.94 6.66
CA ARG A 28 -1.22 -5.71 7.85
C ARG A 28 -0.70 -7.08 7.60
N SER A 29 0.45 -7.34 8.16
CA SER A 29 0.98 -8.65 8.10
C SER A 29 0.02 -9.56 8.88
N PRO A 30 -0.23 -10.78 8.37
CA PRO A 30 -1.34 -11.65 8.83
C PRO A 30 -1.18 -12.18 10.26
N ASP A 31 -0.56 -11.41 11.12
CA ASP A 31 -0.36 -11.80 12.50
C ASP A 31 -0.78 -10.65 13.41
N GLY A 32 -1.30 -9.60 12.81
CA GLY A 32 -1.62 -8.40 13.55
C GLY A 32 -0.44 -7.44 13.56
N ALA A 33 0.48 -7.68 12.64
CA ALA A 33 1.65 -6.83 12.51
C ALA A 33 1.45 -5.85 11.36
N GLU A 34 0.63 -4.85 11.61
CA GLU A 34 0.30 -3.88 10.59
C GLU A 34 1.33 -2.76 10.58
N VAL A 35 2.25 -2.82 9.62
CA VAL A 35 3.33 -1.85 9.55
C VAL A 35 3.02 -0.82 8.47
N PHE A 36 3.27 0.45 8.78
CA PHE A 36 2.96 1.52 7.87
C PHE A 36 4.04 1.67 6.80
N PHE A 37 3.62 1.54 5.56
CA PHE A 37 4.49 1.76 4.43
C PHE A 37 3.96 2.97 3.69
N LYS A 38 4.75 3.56 2.80
CA LYS A 38 4.34 4.81 2.20
C LYS A 38 4.65 4.85 0.71
N ILE A 39 4.10 5.85 0.07
CA ILE A 39 4.26 6.04 -1.36
C ILE A 39 5.05 7.31 -1.62
N LYS A 40 6.01 7.24 -2.52
CA LYS A 40 6.90 8.37 -2.77
C LYS A 40 6.32 9.25 -3.87
N ARG A 41 6.54 8.84 -5.10
CA ARG A 41 5.92 9.47 -6.25
C ARG A 41 4.77 8.57 -6.68
N LYS A 42 4.07 8.91 -7.76
CA LYS A 42 2.94 8.11 -8.22
C LYS A 42 3.33 6.63 -8.40
N THR A 43 2.94 5.82 -7.43
CA THR A 43 3.22 4.40 -7.47
C THR A 43 2.06 3.60 -6.90
N LYS A 44 1.34 2.93 -7.80
CA LYS A 44 0.21 2.07 -7.46
C LYS A 44 0.56 1.03 -6.38
N LEU A 45 -0.48 0.30 -5.96
CA LEU A 45 -0.42 -0.58 -4.80
C LEU A 45 0.53 -1.77 -5.00
N GLU A 46 0.81 -2.11 -6.25
CA GLU A 46 1.56 -3.34 -6.56
C GLU A 46 2.94 -3.37 -5.90
N LYS A 47 3.57 -2.22 -5.74
CA LYS A 47 4.89 -2.18 -5.14
C LYS A 47 4.78 -2.16 -3.60
N LEU A 48 3.64 -1.71 -3.10
CA LEU A 48 3.41 -1.59 -1.67
C LEU A 48 3.44 -2.94 -0.98
N MET A 49 2.93 -3.97 -1.65
CA MET A 49 2.95 -5.29 -1.05
C MET A 49 4.27 -6.02 -1.40
N GLU A 50 4.76 -5.87 -2.63
CA GLU A 50 5.93 -6.62 -3.07
C GLU A 50 7.20 -6.17 -2.36
N VAL A 51 7.35 -4.88 -2.12
CA VAL A 51 8.50 -4.38 -1.37
C VAL A 51 8.51 -5.00 0.02
N TYR A 52 7.32 -5.27 0.55
CA TYR A 52 7.22 -5.91 1.84
C TYR A 52 7.36 -7.42 1.70
N CYS A 53 6.96 -7.97 0.54
CA CYS A 53 7.17 -9.37 0.25
C CYS A 53 8.66 -9.70 0.28
N ASN A 54 9.47 -8.77 -0.19
CA ASN A 54 10.92 -8.89 -0.12
C ASN A 54 11.39 -8.87 1.33
N ARG A 55 10.68 -8.14 2.18
CA ARG A 55 11.02 -8.04 3.59
C ARG A 55 10.68 -9.31 4.34
N LEU A 56 9.45 -9.79 4.18
CA LEU A 56 8.98 -10.95 4.93
C LEU A 56 9.57 -12.26 4.39
N GLY A 57 10.02 -12.23 3.13
CA GLY A 57 10.71 -13.38 2.56
C GLY A 57 9.82 -14.24 1.69
N GLN A 58 8.66 -13.74 1.33
CA GLN A 58 7.73 -14.46 0.46
C GLN A 58 6.93 -13.46 -0.36
N SER A 59 6.85 -13.65 -1.67
CA SER A 59 6.23 -12.67 -2.54
C SER A 59 4.71 -12.74 -2.52
N MET A 60 4.09 -11.70 -3.09
CA MET A 60 2.65 -11.47 -2.99
C MET A 60 1.83 -12.57 -3.66
N GLU A 61 2.46 -13.37 -4.50
CA GLU A 61 1.75 -14.45 -5.16
C GLU A 61 1.39 -15.56 -4.16
N ALA A 62 2.06 -15.54 -3.01
CA ALA A 62 1.80 -16.50 -1.96
C ALA A 62 1.20 -15.79 -0.75
N VAL A 63 0.84 -14.51 -0.93
CA VAL A 63 0.11 -13.75 0.08
C VAL A 63 -0.88 -12.80 -0.60
N ARG A 64 -2.15 -13.19 -0.57
CA ARG A 64 -3.18 -12.46 -1.30
C ARG A 64 -3.49 -11.15 -0.62
N PHE A 65 -3.40 -10.08 -1.39
CA PHE A 65 -3.55 -8.72 -0.87
C PHE A 65 -5.01 -8.27 -0.85
N LEU A 66 -5.55 -8.09 0.34
CA LEU A 66 -6.87 -7.52 0.51
C LEU A 66 -6.75 -6.02 0.75
N TYR A 67 -7.42 -5.23 -0.07
CA TYR A 67 -7.34 -3.79 0.03
C TYR A 67 -8.58 -3.23 0.70
N ASP A 68 -8.39 -2.67 1.90
CA ASP A 68 -9.51 -2.15 2.70
C ASP A 68 -10.52 -3.28 2.98
N GLY A 69 -10.00 -4.50 2.98
CA GLY A 69 -10.83 -5.66 3.20
C GLY A 69 -11.22 -6.37 1.91
N ASP A 70 -11.07 -5.68 0.79
CA ASP A 70 -11.44 -6.27 -0.49
C ASP A 70 -10.19 -6.52 -1.35
N ARG A 71 -9.95 -7.78 -1.63
CA ARG A 71 -8.77 -8.19 -2.39
C ARG A 71 -8.98 -8.00 -3.89
N ILE A 72 -8.26 -7.06 -4.46
CA ILE A 72 -8.35 -6.75 -5.88
C ILE A 72 -6.96 -6.62 -6.49
N HIS A 73 -6.87 -6.07 -7.69
CA HIS A 73 -5.58 -5.89 -8.35
C HIS A 73 -4.93 -4.58 -7.89
N GLY A 74 -3.62 -4.62 -7.70
CA GLY A 74 -2.91 -3.46 -7.18
C GLY A 74 -2.81 -2.32 -8.20
N ASP A 75 -3.02 -2.66 -9.46
CA ASP A 75 -2.97 -1.67 -10.54
C ASP A 75 -4.15 -0.71 -10.46
N ASN A 76 -5.14 -1.06 -9.65
CA ASN A 76 -6.35 -0.26 -9.51
C ASN A 76 -6.04 1.09 -8.88
N THR A 77 -5.18 1.07 -7.87
CA THR A 77 -4.77 2.28 -7.13
C THR A 77 -5.95 2.85 -6.30
N PRO A 78 -5.69 3.25 -5.04
CA PRO A 78 -6.73 3.74 -4.13
C PRO A 78 -7.60 4.85 -4.72
N GLU A 79 -6.98 5.73 -5.51
CA GLU A 79 -7.67 6.89 -6.08
C GLU A 79 -8.97 6.51 -6.79
N GLN A 80 -8.99 5.34 -7.41
CA GLN A 80 -10.15 4.87 -8.16
C GLN A 80 -11.12 4.11 -7.26
N LEU A 81 -10.62 3.66 -6.10
CA LEU A 81 -11.39 2.77 -5.25
C LEU A 81 -12.29 3.54 -4.29
N GLY A 82 -11.87 4.73 -3.89
CA GLY A 82 -12.68 5.54 -2.99
C GLY A 82 -12.05 5.62 -1.63
N ILE A 83 -11.16 4.68 -1.36
CA ILE A 83 -10.30 4.75 -0.20
C ILE A 83 -9.02 5.45 -0.64
N GLU A 84 -8.28 6.00 0.31
CA GLU A 84 -7.11 6.78 -0.03
C GLU A 84 -6.13 6.73 1.15
N ASP A 85 -5.06 7.52 1.11
CA ASP A 85 -3.95 7.39 2.05
C ASP A 85 -4.42 7.28 3.50
N GLY A 86 -3.97 6.22 4.15
CA GLY A 86 -4.40 5.92 5.49
C GLY A 86 -5.11 4.58 5.54
N ASP A 87 -5.13 3.90 4.40
CA ASP A 87 -5.79 2.62 4.26
C ASP A 87 -4.88 1.48 4.66
N VAL A 88 -5.34 0.25 4.46
CA VAL A 88 -4.57 -0.92 4.85
C VAL A 88 -4.67 -2.03 3.80
N ILE A 89 -3.61 -2.80 3.70
CA ILE A 89 -3.55 -3.95 2.82
C ILE A 89 -3.31 -5.20 3.67
N ASP A 90 -4.28 -6.09 3.71
CA ASP A 90 -4.16 -7.29 4.51
C ASP A 90 -3.78 -8.46 3.63
N ALA A 91 -2.62 -9.05 3.88
CA ALA A 91 -2.14 -10.13 3.06
C ALA A 91 -2.17 -11.44 3.82
N MET A 92 -2.97 -12.38 3.32
CA MET A 92 -3.03 -13.71 3.89
C MET A 92 -2.36 -14.69 2.93
N VAL A 93 -1.69 -15.70 3.48
CA VAL A 93 -0.93 -16.66 2.66
C VAL A 93 -1.80 -17.27 1.57
N GLN A 94 -1.68 -16.69 0.35
CA GLN A 94 -2.49 -17.03 -0.82
C GLN A 94 -3.86 -17.59 -0.45
N GLN A 95 -4.61 -16.81 0.31
CA GLN A 95 -5.95 -17.22 0.75
C GLN A 95 -6.86 -17.47 -0.45
N THR A 96 -6.70 -16.65 -1.47
CA THR A 96 -7.48 -16.78 -2.68
C THR A 96 -6.56 -16.76 -3.89
N GLY A 97 -6.58 -17.84 -4.66
CA GLY A 97 -5.75 -17.91 -5.84
C GLY A 97 -4.37 -18.45 -5.52
N GLY A 98 -4.31 -19.67 -4.99
CA GLY A 98 -3.05 -20.30 -4.68
C GLY A 98 -3.06 -21.78 -5.03
N MET A 1 0.21 -16.00 -23.80
CA MET A 1 1.35 -16.93 -23.78
C MET A 1 2.65 -16.14 -23.73
N GLY A 2 3.77 -16.85 -23.73
CA GLY A 2 5.05 -16.21 -23.69
C GLY A 2 5.52 -15.95 -22.28
N ASP A 3 5.39 -14.73 -21.82
CA ASP A 3 5.81 -14.36 -20.48
C ASP A 3 5.16 -13.05 -20.05
N ASP A 4 5.05 -12.84 -18.75
CA ASP A 4 4.46 -11.62 -18.22
C ASP A 4 5.50 -10.51 -18.06
N ASP A 5 6.76 -10.92 -17.90
CA ASP A 5 7.84 -9.99 -17.55
C ASP A 5 8.14 -9.01 -18.67
N SER A 6 7.85 -9.40 -19.91
CA SER A 6 8.04 -8.52 -21.06
C SER A 6 7.19 -7.24 -20.92
N ALA A 7 6.08 -7.34 -20.20
CA ALA A 7 5.20 -6.20 -20.00
C ALA A 7 5.36 -5.62 -18.61
N VAL A 8 6.55 -5.07 -18.34
CA VAL A 8 6.80 -4.38 -17.08
C VAL A 8 6.02 -3.07 -17.01
N ASN A 9 4.80 -3.15 -16.48
CA ASN A 9 3.99 -1.97 -16.27
C ASN A 9 4.35 -1.37 -14.91
N ASN A 10 5.38 -0.55 -14.92
CA ASN A 10 5.85 0.11 -13.70
C ASN A 10 6.79 1.25 -14.06
N ASN A 11 6.21 2.34 -14.54
CA ASN A 11 6.99 3.49 -14.97
C ASN A 11 7.12 4.51 -13.85
N GLY A 12 7.95 5.50 -14.08
CA GLY A 12 8.18 6.52 -13.08
C GLY A 12 9.66 6.72 -12.82
N SER A 13 10.12 7.95 -12.98
CA SER A 13 11.52 8.27 -12.75
C SER A 13 11.73 8.67 -11.29
N SER A 14 12.86 9.32 -11.02
CA SER A 14 13.18 9.79 -9.68
C SER A 14 12.15 10.83 -9.23
N PRO A 15 11.87 10.90 -7.91
CA PRO A 15 10.86 11.81 -7.37
C PRO A 15 11.29 13.27 -7.43
N VAL A 16 11.24 13.85 -8.63
CA VAL A 16 11.57 15.26 -8.83
C VAL A 16 10.46 16.15 -8.25
N ASN A 17 9.23 15.66 -8.32
CA ASN A 17 8.09 16.36 -7.74
C ASN A 17 8.28 16.50 -6.24
N ASN A 18 8.48 15.35 -5.59
CA ASN A 18 8.83 15.26 -4.18
C ASN A 18 7.69 15.69 -3.25
N GLN A 19 7.34 16.97 -3.28
CA GLN A 19 6.39 17.53 -2.31
C GLN A 19 4.93 17.29 -2.69
N GLY A 20 4.70 16.51 -3.73
CA GLY A 20 3.35 16.08 -4.02
C GLY A 20 2.82 15.23 -2.89
N GLU A 21 1.68 15.61 -2.33
CA GLU A 21 1.13 14.95 -1.15
C GLU A 21 1.13 13.44 -1.34
N HIS A 22 1.76 12.75 -0.40
CA HIS A 22 2.03 11.32 -0.53
C HIS A 22 0.79 10.48 -0.28
N ILE A 23 0.93 9.19 -0.55
CA ILE A 23 -0.10 8.23 -0.24
C ILE A 23 0.43 7.34 0.88
N GLN A 24 -0.44 6.56 1.51
CA GLN A 24 -0.08 5.83 2.71
C GLN A 24 -1.07 4.71 2.99
N VAL A 25 -0.57 3.50 3.10
CA VAL A 25 -1.40 2.35 3.43
C VAL A 25 -0.67 1.49 4.44
N LYS A 26 -1.39 0.93 5.39
CA LYS A 26 -0.76 0.08 6.36
C LYS A 26 -0.98 -1.36 5.98
N VAL A 27 0.08 -2.03 5.59
CA VAL A 27 -0.04 -3.37 5.10
C VAL A 27 0.22 -4.31 6.25
N ARG A 28 -0.85 -4.81 6.82
CA ARG A 28 -0.72 -5.82 7.84
C ARG A 28 -0.27 -7.07 7.16
N SER A 29 0.99 -7.37 7.36
CA SER A 29 1.55 -8.54 6.74
C SER A 29 0.90 -9.79 7.34
N PRO A 30 1.05 -10.97 6.70
CA PRO A 30 0.29 -12.19 7.06
C PRO A 30 0.63 -12.79 8.43
N ASP A 31 1.02 -11.94 9.37
CA ASP A 31 1.31 -12.38 10.73
C ASP A 31 0.60 -11.47 11.73
N GLY A 32 0.30 -10.25 11.28
CA GLY A 32 -0.31 -9.28 12.15
C GLY A 32 0.45 -7.98 12.18
N ALA A 33 1.67 -7.98 11.62
CA ALA A 33 2.49 -6.78 11.62
C ALA A 33 1.99 -5.79 10.58
N GLU A 34 1.17 -4.87 11.03
CA GLU A 34 0.62 -3.83 10.17
C GLU A 34 1.52 -2.61 10.21
N VAL A 35 2.36 -2.47 9.21
CA VAL A 35 3.32 -1.36 9.16
C VAL A 35 2.84 -0.30 8.18
N PHE A 36 2.92 0.96 8.61
CA PHE A 36 2.46 2.06 7.78
C PHE A 36 3.46 2.35 6.67
N PHE A 37 3.11 1.94 5.48
CA PHE A 37 3.98 2.12 4.34
C PHE A 37 3.36 3.13 3.40
N LYS A 38 4.17 3.86 2.65
CA LYS A 38 3.64 4.99 1.91
C LYS A 38 3.99 4.90 0.43
N ILE A 39 3.35 5.77 -0.32
CA ILE A 39 3.68 5.97 -1.71
C ILE A 39 4.21 7.40 -1.86
N LYS A 40 5.31 7.59 -2.57
CA LYS A 40 5.96 8.91 -2.57
C LYS A 40 5.64 9.63 -3.87
N ARG A 41 6.01 9.03 -4.99
CA ARG A 41 5.59 9.50 -6.29
C ARG A 41 4.54 8.54 -6.83
N LYS A 42 4.03 8.77 -8.02
CA LYS A 42 2.97 7.94 -8.57
C LYS A 42 3.44 6.49 -8.70
N THR A 43 3.05 5.65 -7.77
CA THR A 43 3.43 4.25 -7.80
C THR A 43 2.22 3.36 -7.53
N LYS A 44 2.06 2.34 -8.35
CA LYS A 44 0.97 1.38 -8.22
C LYS A 44 1.20 0.45 -7.01
N LEU A 45 0.16 -0.28 -6.64
CA LEU A 45 0.16 -1.05 -5.39
C LEU A 45 1.15 -2.21 -5.41
N GLU A 46 1.49 -2.67 -6.60
CA GLU A 46 2.38 -3.81 -6.76
C GLU A 46 3.76 -3.55 -6.12
N LYS A 47 4.15 -2.30 -5.98
CA LYS A 47 5.43 -1.99 -5.36
C LYS A 47 5.32 -2.15 -3.85
N LEU A 48 4.17 -1.77 -3.29
CA LEU A 48 3.92 -1.86 -1.86
C LEU A 48 3.96 -3.31 -1.42
N MET A 49 3.43 -4.19 -2.26
CA MET A 49 3.37 -5.60 -1.95
C MET A 49 4.71 -6.29 -2.21
N GLU A 50 5.42 -5.88 -3.27
CA GLU A 50 6.70 -6.48 -3.59
C GLU A 50 7.76 -6.14 -2.54
N VAL A 51 7.64 -4.97 -1.92
CA VAL A 51 8.51 -4.63 -0.79
C VAL A 51 8.43 -5.72 0.28
N TYR A 52 7.23 -6.23 0.52
CA TYR A 52 7.03 -7.27 1.51
C TYR A 52 7.52 -8.63 1.01
N CYS A 53 7.36 -8.89 -0.29
CA CYS A 53 7.90 -10.10 -0.90
C CYS A 53 9.37 -10.29 -0.54
N ASN A 54 10.15 -9.21 -0.69
CA ASN A 54 11.59 -9.28 -0.44
C ASN A 54 11.89 -9.33 1.06
N ARG A 55 11.05 -8.67 1.86
CA ARG A 55 11.24 -8.63 3.30
C ARG A 55 11.03 -10.00 3.93
N LEU A 56 10.07 -10.75 3.41
CA LEU A 56 9.76 -12.07 3.94
C LEU A 56 10.65 -13.14 3.30
N GLY A 57 11.18 -12.84 2.12
CA GLY A 57 11.89 -13.83 1.35
C GLY A 57 10.91 -14.74 0.64
N GLN A 58 9.66 -14.31 0.64
CA GLN A 58 8.57 -15.05 0.03
C GLN A 58 7.71 -14.09 -0.77
N SER A 59 7.42 -14.43 -2.01
CA SER A 59 6.73 -13.52 -2.90
C SER A 59 5.22 -13.52 -2.68
N MET A 60 4.56 -12.59 -3.34
CA MET A 60 3.13 -12.35 -3.17
C MET A 60 2.27 -13.54 -3.59
N GLU A 61 2.85 -14.48 -4.32
CA GLU A 61 2.11 -15.65 -4.81
C GLU A 61 1.60 -16.53 -3.65
N ALA A 62 2.14 -16.31 -2.46
CA ALA A 62 1.78 -17.09 -1.30
C ALA A 62 0.98 -16.25 -0.33
N VAL A 63 0.60 -15.05 -0.76
CA VAL A 63 -0.22 -14.15 0.04
C VAL A 63 -1.26 -13.45 -0.83
N ARG A 64 -2.15 -12.72 -0.20
CA ARG A 64 -3.13 -11.94 -0.92
C ARG A 64 -3.39 -10.63 -0.17
N PHE A 65 -3.34 -9.52 -0.88
CA PHE A 65 -3.46 -8.21 -0.26
C PHE A 65 -4.87 -7.65 -0.41
N LEU A 66 -5.53 -7.47 0.71
CA LEU A 66 -6.89 -6.95 0.75
C LEU A 66 -6.90 -5.55 1.36
N TYR A 67 -7.22 -4.54 0.57
CA TYR A 67 -7.30 -3.19 1.12
C TYR A 67 -8.73 -2.70 1.10
N ASP A 68 -9.08 -1.90 2.10
CA ASP A 68 -10.48 -1.52 2.34
C ASP A 68 -11.31 -2.79 2.62
N GLY A 69 -10.61 -3.85 3.04
CA GLY A 69 -11.25 -5.10 3.35
C GLY A 69 -11.36 -6.03 2.16
N ASP A 70 -11.11 -5.52 0.96
CA ASP A 70 -11.28 -6.32 -0.25
C ASP A 70 -10.07 -6.27 -1.16
N ARG A 71 -9.57 -7.44 -1.53
CA ARG A 71 -8.46 -7.54 -2.49
C ARG A 71 -8.86 -7.01 -3.87
N ILE A 72 -7.86 -6.67 -4.67
CA ILE A 72 -8.10 -6.25 -6.06
C ILE A 72 -6.76 -6.08 -6.78
N HIS A 73 -6.77 -5.54 -7.99
CA HIS A 73 -5.54 -5.38 -8.77
C HIS A 73 -4.71 -4.21 -8.23
N GLY A 74 -3.40 -4.29 -8.41
CA GLY A 74 -2.53 -3.21 -7.98
C GLY A 74 -2.65 -1.99 -8.88
N ASP A 75 -3.15 -2.20 -10.08
CA ASP A 75 -3.31 -1.12 -11.05
C ASP A 75 -4.49 -0.23 -10.71
N ASN A 76 -5.41 -0.72 -9.88
CA ASN A 76 -6.56 0.08 -9.48
C ASN A 76 -6.11 1.21 -8.58
N THR A 77 -5.22 0.90 -7.64
CA THR A 77 -4.67 1.85 -6.67
C THR A 77 -5.78 2.42 -5.77
N PRO A 78 -5.40 3.03 -4.61
CA PRO A 78 -6.37 3.60 -3.67
C PRO A 78 -7.14 4.77 -4.27
N GLU A 79 -6.44 5.59 -5.04
CA GLU A 79 -7.01 6.82 -5.58
C GLU A 79 -8.28 6.53 -6.36
N GLN A 80 -8.22 5.55 -7.26
CA GLN A 80 -9.32 5.25 -8.16
C GLN A 80 -10.55 4.72 -7.41
N LEU A 81 -10.33 4.17 -6.22
CA LEU A 81 -11.42 3.60 -5.44
C LEU A 81 -12.09 4.68 -4.61
N GLY A 82 -11.32 5.68 -4.22
CA GLY A 82 -11.86 6.79 -3.46
C GLY A 82 -11.36 6.77 -2.04
N ILE A 83 -10.86 5.62 -1.63
CA ILE A 83 -10.26 5.48 -0.32
C ILE A 83 -8.74 5.53 -0.47
N GLU A 84 -8.11 6.40 0.28
CA GLU A 84 -6.70 6.71 0.06
C GLU A 84 -5.94 6.64 1.38
N ASP A 85 -4.85 7.42 1.48
CA ASP A 85 -3.93 7.37 2.61
C ASP A 85 -4.65 7.29 3.96
N GLY A 86 -4.21 6.36 4.79
CA GLY A 86 -4.80 6.17 6.09
C GLY A 86 -5.52 4.85 6.21
N ASP A 87 -5.66 4.16 5.08
CA ASP A 87 -6.33 2.86 5.05
C ASP A 87 -5.30 1.75 5.25
N VAL A 88 -5.78 0.53 5.44
CA VAL A 88 -4.89 -0.60 5.67
C VAL A 88 -5.08 -1.67 4.61
N ILE A 89 -4.08 -2.54 4.51
CA ILE A 89 -4.08 -3.62 3.55
C ILE A 89 -3.69 -4.90 4.25
N ASP A 90 -4.57 -5.86 4.28
CA ASP A 90 -4.33 -7.08 5.04
C ASP A 90 -3.84 -8.17 4.11
N ALA A 91 -2.71 -8.76 4.44
CA ALA A 91 -2.17 -9.84 3.65
C ALA A 91 -2.53 -11.18 4.26
N MET A 92 -3.29 -11.96 3.52
CA MET A 92 -3.67 -13.30 3.95
C MET A 92 -2.85 -14.32 3.20
N VAL A 93 -2.82 -15.55 3.68
CA VAL A 93 -1.98 -16.58 3.07
C VAL A 93 -2.62 -17.13 1.79
N GLN A 94 -2.13 -16.66 0.65
CA GLN A 94 -2.64 -17.05 -0.68
C GLN A 94 -4.13 -16.78 -0.82
N GLN A 95 -4.92 -17.74 -0.35
CA GLN A 95 -6.37 -17.62 -0.35
C GLN A 95 -6.92 -18.83 0.41
N THR A 96 -6.19 -19.22 1.45
CA THR A 96 -6.44 -20.46 2.19
C THR A 96 -5.95 -21.67 1.39
N GLY A 97 -6.26 -21.68 0.09
CA GLY A 97 -5.83 -22.75 -0.77
C GLY A 97 -5.08 -22.21 -1.97
N GLY A 98 -5.75 -21.36 -2.74
CA GLY A 98 -5.13 -20.74 -3.89
C GLY A 98 -6.16 -20.27 -4.89
N MET A 1 37.37 22.01 -12.96
CA MET A 1 37.73 21.58 -14.33
C MET A 1 36.47 21.46 -15.18
N GLY A 2 36.26 22.47 -16.01
CA GLY A 2 35.04 22.57 -16.79
C GLY A 2 34.34 23.89 -16.49
N ASP A 3 33.09 23.80 -16.05
CA ASP A 3 32.36 24.98 -15.60
C ASP A 3 31.78 24.74 -14.22
N ASP A 4 32.12 25.58 -13.27
CA ASP A 4 31.57 25.49 -11.93
C ASP A 4 30.08 25.82 -11.98
N ASP A 5 29.69 26.54 -13.03
CA ASP A 5 28.30 26.92 -13.25
C ASP A 5 27.42 25.69 -13.43
N SER A 6 28.02 24.59 -13.88
CA SER A 6 27.29 23.35 -14.07
C SER A 6 27.15 22.58 -12.75
N ALA A 7 27.94 22.98 -11.76
CA ALA A 7 27.97 22.27 -10.50
C ALA A 7 27.46 23.16 -9.36
N VAL A 8 26.81 24.26 -9.71
CA VAL A 8 26.28 25.18 -8.72
C VAL A 8 25.14 24.53 -7.94
N ASN A 9 25.43 24.10 -6.73
CA ASN A 9 24.42 23.52 -5.86
C ASN A 9 24.46 24.24 -4.52
N ASN A 10 23.97 25.46 -4.51
CA ASN A 10 23.92 26.27 -3.30
C ASN A 10 22.52 26.25 -2.70
N ASN A 11 21.55 25.84 -3.50
CA ASN A 11 20.18 25.76 -3.04
C ASN A 11 19.90 24.38 -2.46
N GLY A 12 19.38 24.35 -1.24
CA GLY A 12 19.08 23.10 -0.60
C GLY A 12 17.61 22.75 -0.71
N SER A 13 17.27 21.97 -1.72
CA SER A 13 15.89 21.55 -1.93
C SER A 13 15.43 20.62 -0.83
N SER A 14 14.26 20.90 -0.28
CA SER A 14 13.75 20.11 0.83
C SER A 14 12.41 19.49 0.47
N PRO A 15 12.43 18.25 -0.03
CA PRO A 15 11.21 17.50 -0.32
C PRO A 15 10.62 16.93 0.96
N VAL A 16 9.69 17.67 1.56
CA VAL A 16 9.10 17.29 2.84
C VAL A 16 8.47 15.90 2.77
N ASN A 17 8.90 15.04 3.68
CA ASN A 17 8.41 13.68 3.78
C ASN A 17 6.90 13.63 4.02
N ASN A 18 6.49 14.00 5.23
CA ASN A 18 5.07 14.01 5.56
C ASN A 18 4.50 15.40 5.45
N GLN A 19 4.05 15.74 4.25
CA GLN A 19 3.46 17.04 3.98
C GLN A 19 2.10 16.89 3.33
N GLY A 20 2.03 16.04 2.30
CA GLY A 20 0.80 15.87 1.56
C GLY A 20 1.07 15.51 0.12
N GLU A 21 2.33 15.67 -0.30
CA GLU A 21 2.76 15.30 -1.64
C GLU A 21 3.12 13.81 -1.70
N HIS A 22 2.91 13.13 -0.59
CA HIS A 22 3.18 11.70 -0.50
C HIS A 22 2.01 11.00 0.19
N ILE A 23 1.85 9.72 -0.07
CA ILE A 23 0.72 8.95 0.47
C ILE A 23 1.24 7.96 1.51
N GLN A 24 0.32 7.36 2.26
CA GLN A 24 0.67 6.41 3.33
C GLN A 24 -0.44 5.40 3.52
N VAL A 25 -0.08 4.13 3.57
CA VAL A 25 -1.01 3.07 3.90
C VAL A 25 -0.41 2.19 4.98
N LYS A 26 -1.11 1.14 5.37
CA LYS A 26 -0.60 0.20 6.36
C LYS A 26 -0.92 -1.22 5.95
N VAL A 27 0.11 -1.99 5.67
CA VAL A 27 -0.09 -3.36 5.27
C VAL A 27 0.09 -4.22 6.48
N ARG A 28 -1.02 -4.65 7.06
CA ARG A 28 -0.97 -5.52 8.20
C ARG A 28 -0.47 -6.85 7.74
N SER A 29 0.76 -7.14 8.09
CA SER A 29 1.34 -8.41 7.75
C SER A 29 0.49 -9.53 8.39
N PRO A 30 0.59 -10.78 7.89
CA PRO A 30 -0.23 -11.91 8.39
C PRO A 30 0.07 -12.31 9.85
N ASP A 31 0.45 -11.33 10.65
CA ASP A 31 0.75 -11.56 12.06
C ASP A 31 0.04 -10.53 12.94
N GLY A 32 -0.34 -9.42 12.33
CA GLY A 32 -0.92 -8.33 13.10
C GLY A 32 -0.01 -7.13 13.13
N ALA A 33 1.25 -7.36 12.76
CA ALA A 33 2.23 -6.29 12.66
C ALA A 33 1.87 -5.39 11.48
N GLU A 34 1.33 -4.23 11.81
CA GLU A 34 0.84 -3.31 10.81
C GLU A 34 1.69 -2.05 10.83
N VAL A 35 2.66 -2.01 9.92
CA VAL A 35 3.57 -0.88 9.83
C VAL A 35 3.18 0.00 8.66
N PHE A 36 3.15 1.30 8.87
CA PHE A 36 2.75 2.24 7.84
C PHE A 36 3.79 2.26 6.73
N PHE A 37 3.33 2.12 5.51
CA PHE A 37 4.21 2.12 4.37
C PHE A 37 3.69 3.14 3.38
N LYS A 38 4.56 3.99 2.92
CA LYS A 38 4.14 5.18 2.23
C LYS A 38 4.35 5.10 0.73
N ILE A 39 3.69 5.99 0.03
CA ILE A 39 3.81 6.11 -1.40
C ILE A 39 4.44 7.47 -1.71
N LYS A 40 5.40 7.50 -2.61
CA LYS A 40 6.11 8.75 -2.88
C LYS A 40 5.49 9.47 -4.06
N ARG A 41 5.87 9.04 -5.24
CA ARG A 41 5.31 9.53 -6.48
C ARG A 41 4.31 8.51 -7.00
N LYS A 42 3.73 8.74 -8.17
CA LYS A 42 2.78 7.80 -8.74
C LYS A 42 3.41 6.41 -8.82
N THR A 43 3.05 5.58 -7.86
CA THR A 43 3.52 4.21 -7.78
C THR A 43 2.40 3.30 -7.33
N LYS A 44 1.88 2.54 -8.29
CA LYS A 44 0.83 1.54 -8.06
C LYS A 44 1.02 0.77 -6.76
N LEU A 45 -0.10 0.29 -6.22
CA LEU A 45 -0.11 -0.42 -4.94
C LEU A 45 0.65 -1.74 -5.05
N GLU A 46 0.91 -2.17 -6.27
CA GLU A 46 1.63 -3.42 -6.51
C GLU A 46 3.04 -3.36 -5.93
N LYS A 47 3.61 -2.17 -5.83
CA LYS A 47 4.94 -2.04 -5.25
C LYS A 47 4.86 -2.13 -3.72
N LEU A 48 3.79 -1.57 -3.15
CA LEU A 48 3.51 -1.72 -1.73
C LEU A 48 3.36 -3.21 -1.41
N MET A 49 2.90 -3.93 -2.41
CA MET A 49 2.69 -5.36 -2.34
C MET A 49 4.00 -6.13 -2.49
N GLU A 50 4.76 -5.81 -3.53
CA GLU A 50 5.99 -6.54 -3.84
C GLU A 50 7.10 -6.26 -2.83
N VAL A 51 7.12 -5.07 -2.23
CA VAL A 51 8.11 -4.77 -1.19
C VAL A 51 8.04 -5.81 -0.05
N TYR A 52 6.82 -6.23 0.29
CA TYR A 52 6.64 -7.19 1.37
C TYR A 52 7.10 -8.58 0.95
N CYS A 53 6.99 -8.90 -0.34
CA CYS A 53 7.54 -10.15 -0.87
C CYS A 53 9.00 -10.32 -0.46
N ASN A 54 9.73 -9.21 -0.48
CA ASN A 54 11.16 -9.22 -0.15
C ASN A 54 11.38 -9.31 1.36
N ARG A 55 10.56 -8.58 2.11
CA ARG A 55 10.75 -8.46 3.55
C ARG A 55 10.56 -9.79 4.28
N LEU A 56 9.47 -10.48 4.02
CA LEU A 56 9.17 -11.70 4.77
C LEU A 56 9.58 -12.96 3.99
N GLY A 57 10.28 -12.76 2.88
CA GLY A 57 10.84 -13.88 2.13
C GLY A 57 9.77 -14.78 1.52
N GLN A 58 8.62 -14.22 1.23
CA GLN A 58 7.52 -14.95 0.63
C GLN A 58 6.80 -14.04 -0.36
N SER A 59 6.56 -14.53 -1.56
CA SER A 59 6.09 -13.66 -2.61
C SER A 59 4.56 -13.56 -2.67
N MET A 60 4.09 -12.68 -3.54
CA MET A 60 2.71 -12.19 -3.51
C MET A 60 1.64 -13.21 -3.90
N GLU A 61 2.00 -14.34 -4.50
CA GLU A 61 0.99 -15.34 -4.82
C GLU A 61 0.80 -16.26 -3.62
N ALA A 62 1.71 -16.17 -2.66
CA ALA A 62 1.63 -16.92 -1.42
C ALA A 62 1.12 -16.02 -0.30
N VAL A 63 1.00 -14.72 -0.59
CA VAL A 63 0.39 -13.77 0.32
C VAL A 63 -0.50 -12.80 -0.44
N ARG A 64 -1.81 -12.99 -0.34
CA ARG A 64 -2.76 -12.16 -1.06
C ARG A 64 -3.11 -10.94 -0.24
N PHE A 65 -2.94 -9.77 -0.83
CA PHE A 65 -3.17 -8.52 -0.12
C PHE A 65 -4.60 -8.02 -0.34
N LEU A 66 -5.31 -7.83 0.76
CA LEU A 66 -6.66 -7.28 0.75
C LEU A 66 -6.64 -5.85 1.25
N TYR A 67 -6.93 -4.89 0.40
CA TYR A 67 -6.94 -3.50 0.85
C TYR A 67 -8.34 -2.93 0.81
N ASP A 68 -8.62 -2.05 1.78
CA ASP A 68 -9.98 -1.60 2.07
C ASP A 68 -10.82 -2.81 2.48
N GLY A 69 -10.14 -3.85 2.92
CA GLY A 69 -10.80 -5.10 3.28
C GLY A 69 -11.13 -5.93 2.06
N ASP A 70 -10.75 -5.45 0.88
CA ASP A 70 -11.12 -6.10 -0.36
C ASP A 70 -9.88 -6.48 -1.17
N ARG A 71 -9.72 -7.78 -1.39
CA ARG A 71 -8.66 -8.27 -2.27
C ARG A 71 -8.90 -7.86 -3.73
N ILE A 72 -7.96 -7.11 -4.28
CA ILE A 72 -8.05 -6.65 -5.65
C ILE A 72 -6.67 -6.22 -6.14
N HIS A 73 -6.46 -6.19 -7.45
CA HIS A 73 -5.15 -5.92 -8.03
C HIS A 73 -4.74 -4.46 -7.85
N GLY A 74 -3.48 -4.26 -7.44
CA GLY A 74 -3.01 -2.95 -7.04
C GLY A 74 -2.70 -2.01 -8.19
N ASP A 75 -2.84 -2.48 -9.42
CA ASP A 75 -2.54 -1.66 -10.60
C ASP A 75 -3.50 -0.50 -10.73
N ASN A 76 -4.74 -0.70 -10.31
CA ASN A 76 -5.79 0.30 -10.51
C ASN A 76 -5.71 1.40 -9.45
N THR A 77 -4.71 1.29 -8.56
CA THR A 77 -4.43 2.28 -7.51
C THR A 77 -5.62 2.47 -6.54
N PRO A 78 -5.38 3.08 -5.36
CA PRO A 78 -6.43 3.29 -4.36
C PRO A 78 -7.36 4.44 -4.75
N GLU A 79 -6.79 5.43 -5.44
CA GLU A 79 -7.52 6.64 -5.82
C GLU A 79 -8.77 6.29 -6.63
N GLN A 80 -8.66 5.23 -7.43
CA GLN A 80 -9.76 4.82 -8.28
C GLN A 80 -10.83 4.08 -7.47
N LEU A 81 -10.45 3.59 -6.29
CA LEU A 81 -11.36 2.76 -5.51
C LEU A 81 -12.15 3.60 -4.51
N GLY A 82 -11.55 4.68 -4.03
CA GLY A 82 -12.23 5.53 -3.08
C GLY A 82 -11.58 5.46 -1.72
N ILE A 83 -10.81 4.40 -1.51
CA ILE A 83 -9.96 4.33 -0.34
C ILE A 83 -8.65 5.03 -0.66
N GLU A 84 -8.04 5.63 0.32
CA GLU A 84 -6.91 6.50 0.06
C GLU A 84 -5.98 6.49 1.29
N ASP A 85 -5.24 7.56 1.50
CA ASP A 85 -4.34 7.67 2.66
C ASP A 85 -5.05 7.24 3.94
N GLY A 86 -4.57 6.15 4.53
CA GLY A 86 -5.20 5.62 5.72
C GLY A 86 -5.74 4.23 5.49
N ASP A 87 -5.49 3.70 4.30
CA ASP A 87 -5.91 2.36 3.95
C ASP A 87 -5.00 1.32 4.58
N VAL A 88 -5.59 0.22 5.02
CA VAL A 88 -4.82 -0.89 5.52
C VAL A 88 -4.98 -2.09 4.61
N ILE A 89 -3.89 -2.81 4.42
CA ILE A 89 -3.85 -3.93 3.49
C ILE A 89 -3.47 -5.21 4.23
N ASP A 90 -4.36 -6.17 4.23
CA ASP A 90 -4.14 -7.39 4.99
C ASP A 90 -3.66 -8.51 4.08
N ALA A 91 -2.55 -9.13 4.46
CA ALA A 91 -2.00 -10.23 3.66
C ALA A 91 -2.47 -11.58 4.18
N MET A 92 -3.18 -12.31 3.33
CA MET A 92 -3.67 -13.64 3.66
C MET A 92 -2.84 -14.70 2.94
N VAL A 93 -3.02 -15.96 3.34
CA VAL A 93 -2.24 -17.05 2.78
C VAL A 93 -2.64 -17.33 1.33
N GLN A 94 -1.74 -17.00 0.42
CA GLN A 94 -1.90 -17.24 -1.01
C GLN A 94 -3.10 -16.52 -1.62
N GLN A 95 -3.17 -16.55 -2.94
CA GLN A 95 -4.19 -15.84 -3.69
C GLN A 95 -5.56 -16.50 -3.55
N THR A 96 -5.58 -17.78 -3.18
CA THR A 96 -6.83 -18.52 -3.08
C THR A 96 -6.86 -19.37 -1.80
N GLY A 97 -6.06 -18.99 -0.82
CA GLY A 97 -6.05 -19.71 0.44
C GLY A 97 -7.14 -19.24 1.38
N GLY A 98 -7.98 -18.34 0.88
CA GLY A 98 -9.06 -17.80 1.66
C GLY A 98 -9.68 -16.61 0.98
N MET A 1 39.62 19.76 17.37
CA MET A 1 39.51 20.79 16.32
C MET A 1 38.06 21.22 16.18
N GLY A 2 37.26 20.39 15.52
CA GLY A 2 35.85 20.69 15.37
C GLY A 2 35.01 19.87 16.32
N ASP A 3 34.38 20.54 17.28
CA ASP A 3 33.60 19.86 18.30
C ASP A 3 32.38 19.17 17.71
N ASP A 4 31.82 18.25 18.48
CA ASP A 4 30.71 17.44 18.03
C ASP A 4 29.44 18.28 17.88
N ASP A 5 29.33 19.33 18.69
CA ASP A 5 28.20 20.25 18.62
C ASP A 5 28.23 21.06 17.33
N SER A 6 29.39 21.07 16.68
CA SER A 6 29.54 21.74 15.40
C SER A 6 29.05 20.82 14.28
N ALA A 7 28.89 19.55 14.62
CA ALA A 7 28.42 18.56 13.67
C ALA A 7 27.14 17.91 14.17
N VAL A 8 26.19 18.74 14.58
CA VAL A 8 24.88 18.26 15.02
C VAL A 8 24.04 17.85 13.82
N ASN A 9 23.89 16.55 13.64
CA ASN A 9 23.09 16.01 12.55
C ASN A 9 22.04 15.06 13.11
N ASN A 10 21.86 15.13 14.43
CA ASN A 10 20.95 14.24 15.13
C ASN A 10 19.50 14.67 14.94
N ASN A 11 19.04 14.60 13.71
CA ASN A 11 17.64 14.85 13.36
C ASN A 11 17.25 13.90 12.25
N GLY A 12 16.79 12.71 12.61
CA GLY A 12 16.47 11.70 11.62
C GLY A 12 15.12 11.91 10.97
N SER A 13 14.97 13.08 10.35
CA SER A 13 13.73 13.48 9.68
C SER A 13 12.58 13.61 10.69
N SER A 14 11.37 13.84 10.19
CA SER A 14 10.22 13.98 11.05
C SER A 14 8.95 13.66 10.27
N PRO A 15 8.08 12.80 10.82
CA PRO A 15 6.84 12.40 10.18
C PRO A 15 5.76 13.48 10.29
N VAL A 16 5.88 14.51 9.46
CA VAL A 16 4.94 15.61 9.47
C VAL A 16 4.08 15.62 8.21
N ASN A 17 2.76 15.54 8.41
CA ASN A 17 1.79 15.57 7.32
C ASN A 17 2.00 14.45 6.32
N ASN A 18 1.59 13.25 6.71
CA ASN A 18 1.64 12.09 5.82
C ASN A 18 0.77 12.33 4.59
N GLN A 19 -0.33 13.05 4.78
CA GLN A 19 -1.26 13.35 3.70
C GLN A 19 -0.94 14.72 3.10
N GLY A 20 0.27 15.20 3.40
CA GLY A 20 0.71 16.48 2.85
C GLY A 20 1.11 16.36 1.41
N GLU A 21 2.34 15.93 1.16
CA GLU A 21 2.81 15.66 -0.18
C GLU A 21 3.28 14.22 -0.27
N HIS A 22 2.59 13.37 0.46
CA HIS A 22 2.93 11.95 0.53
C HIS A 22 1.67 11.10 0.52
N ILE A 23 1.85 9.81 0.36
CA ILE A 23 0.76 8.86 0.49
C ILE A 23 1.18 7.79 1.51
N GLN A 24 0.22 7.08 2.07
CA GLN A 24 0.51 6.14 3.14
C GLN A 24 -0.42 4.94 3.06
N VAL A 25 0.15 3.75 3.24
CA VAL A 25 -0.62 2.52 3.27
C VAL A 25 -0.08 1.58 4.35
N LYS A 26 -0.94 0.79 4.93
CA LYS A 26 -0.52 -0.18 5.94
C LYS A 26 -0.85 -1.58 5.48
N VAL A 27 0.18 -2.38 5.26
CA VAL A 27 -0.03 -3.71 4.78
C VAL A 27 0.03 -4.62 5.98
N ARG A 28 -1.13 -4.99 6.48
CA ARG A 28 -1.19 -5.87 7.60
C ARG A 28 -0.72 -7.21 7.13
N SER A 29 0.50 -7.50 7.50
CA SER A 29 1.09 -8.74 7.12
C SER A 29 0.30 -9.87 7.80
N PRO A 30 0.38 -11.11 7.27
CA PRO A 30 -0.48 -12.25 7.70
C PRO A 30 -0.27 -12.69 9.15
N ASP A 31 0.06 -11.77 10.02
CA ASP A 31 0.28 -12.08 11.42
C ASP A 31 -0.43 -11.06 12.31
N GLY A 32 -0.93 -10.01 11.68
CA GLY A 32 -1.50 -8.91 12.42
C GLY A 32 -0.54 -7.74 12.47
N ALA A 33 0.71 -8.00 12.06
CA ALA A 33 1.72 -6.97 12.01
C ALA A 33 1.41 -5.98 10.91
N GLU A 34 0.84 -4.85 11.29
CA GLU A 34 0.44 -3.84 10.35
C GLU A 34 1.42 -2.67 10.41
N VAL A 35 2.35 -2.63 9.47
CA VAL A 35 3.39 -1.61 9.45
C VAL A 35 3.07 -0.55 8.41
N PHE A 36 3.23 0.71 8.79
CA PHE A 36 2.90 1.82 7.91
C PHE A 36 3.96 2.03 6.84
N PHE A 37 3.55 1.86 5.60
CA PHE A 37 4.39 2.10 4.46
C PHE A 37 3.85 3.31 3.72
N LYS A 38 4.57 3.82 2.74
CA LYS A 38 4.18 5.09 2.15
C LYS A 38 4.46 5.16 0.67
N ILE A 39 3.86 6.17 0.04
CA ILE A 39 4.05 6.43 -1.38
C ILE A 39 4.55 7.87 -1.54
N LYS A 40 5.37 8.11 -2.56
CA LYS A 40 5.81 9.48 -2.85
C LYS A 40 5.57 9.78 -4.32
N ARG A 41 6.44 9.26 -5.16
CA ARG A 41 6.23 9.29 -6.60
C ARG A 41 5.13 8.29 -6.91
N LYS A 42 4.34 8.52 -7.97
CA LYS A 42 3.21 7.65 -8.25
C LYS A 42 3.66 6.19 -8.41
N THR A 43 3.44 5.43 -7.36
CA THR A 43 3.79 4.02 -7.34
C THR A 43 2.63 3.22 -6.75
N LYS A 44 1.89 2.57 -7.63
CA LYS A 44 0.66 1.88 -7.23
C LYS A 44 0.91 0.73 -6.26
N LEU A 45 -0.18 0.06 -5.90
CA LEU A 45 -0.24 -0.85 -4.76
C LEU A 45 0.73 -2.04 -4.87
N GLU A 46 1.23 -2.30 -6.07
CA GLU A 46 2.10 -3.45 -6.29
C GLU A 46 3.34 -3.39 -5.40
N LYS A 47 4.12 -2.32 -5.51
CA LYS A 47 5.37 -2.23 -4.76
C LYS A 47 5.11 -2.11 -3.26
N LEU A 48 3.96 -1.55 -2.90
CA LEU A 48 3.57 -1.39 -1.52
C LEU A 48 3.51 -2.74 -0.81
N MET A 49 3.05 -3.75 -1.53
CA MET A 49 2.96 -5.09 -0.97
C MET A 49 4.23 -5.88 -1.25
N GLU A 50 4.87 -5.61 -2.39
CA GLU A 50 6.07 -6.35 -2.78
C GLU A 50 7.25 -6.05 -1.87
N VAL A 51 7.34 -4.81 -1.38
CA VAL A 51 8.37 -4.46 -0.41
C VAL A 51 8.28 -5.39 0.80
N TYR A 52 7.05 -5.71 1.19
CA TYR A 52 6.83 -6.63 2.29
C TYR A 52 7.05 -8.08 1.88
N CYS A 53 6.65 -8.42 0.64
CA CYS A 53 6.94 -9.75 0.10
C CYS A 53 8.43 -10.07 0.23
N ASN A 54 9.27 -9.18 -0.28
CA ASN A 54 10.71 -9.36 -0.25
C ASN A 54 11.23 -9.31 1.18
N ARG A 55 10.58 -8.50 2.02
CA ARG A 55 11.01 -8.32 3.39
C ARG A 55 10.78 -9.58 4.23
N LEU A 56 9.67 -10.28 3.99
CA LEU A 56 9.35 -11.48 4.76
C LEU A 56 9.95 -12.73 4.11
N GLY A 57 10.38 -12.60 2.86
CA GLY A 57 11.11 -13.69 2.23
C GLY A 57 10.27 -14.54 1.30
N GLN A 58 9.04 -14.12 1.06
CA GLN A 58 8.17 -14.81 0.12
C GLN A 58 7.20 -13.83 -0.51
N SER A 59 7.03 -13.93 -1.82
CA SER A 59 6.28 -12.93 -2.56
C SER A 59 4.77 -13.09 -2.42
N MET A 60 4.05 -12.17 -3.07
CA MET A 60 2.63 -11.93 -2.81
C MET A 60 1.70 -13.06 -3.25
N GLU A 61 2.15 -14.00 -4.08
CA GLU A 61 1.28 -15.12 -4.45
C GLU A 61 1.18 -16.12 -3.28
N ALA A 62 1.90 -15.82 -2.22
CA ALA A 62 1.84 -16.57 -0.99
C ALA A 62 1.24 -15.71 0.13
N VAL A 63 0.88 -14.48 -0.22
CA VAL A 63 0.19 -13.57 0.70
C VAL A 63 -0.86 -12.75 -0.06
N ARG A 64 -2.13 -13.14 0.09
CA ARG A 64 -3.21 -12.57 -0.70
C ARG A 64 -3.50 -11.15 -0.27
N PHE A 65 -3.26 -10.23 -1.18
CA PHE A 65 -3.41 -8.81 -0.92
C PHE A 65 -4.87 -8.36 -1.04
N LEU A 66 -5.45 -8.00 0.09
CA LEU A 66 -6.78 -7.38 0.10
C LEU A 66 -6.64 -5.89 0.39
N TYR A 67 -7.20 -5.07 -0.48
CA TYR A 67 -7.08 -3.63 -0.36
C TYR A 67 -8.35 -3.03 0.20
N ASP A 68 -8.23 -2.31 1.31
CA ASP A 68 -9.39 -1.75 2.02
C ASP A 68 -10.35 -2.88 2.44
N GLY A 69 -9.79 -4.09 2.53
CA GLY A 69 -10.58 -5.24 2.91
C GLY A 69 -11.04 -6.05 1.71
N ASP A 70 -10.78 -5.55 0.51
CA ASP A 70 -11.21 -6.24 -0.70
C ASP A 70 -10.03 -6.51 -1.64
N ARG A 71 -9.76 -7.78 -1.87
CA ARG A 71 -8.71 -8.19 -2.80
C ARG A 71 -9.01 -7.73 -4.22
N ILE A 72 -8.08 -6.96 -4.77
CA ILE A 72 -8.18 -6.49 -6.15
C ILE A 72 -6.77 -6.37 -6.73
N HIS A 73 -6.62 -5.64 -7.82
CA HIS A 73 -5.31 -5.47 -8.44
C HIS A 73 -4.60 -4.26 -7.85
N GLY A 74 -3.28 -4.23 -8.00
CA GLY A 74 -2.51 -3.09 -7.56
C GLY A 74 -2.64 -1.93 -8.51
N ASP A 75 -3.09 -2.22 -9.73
CA ASP A 75 -3.29 -1.21 -10.76
C ASP A 75 -4.52 -0.35 -10.48
N ASN A 76 -5.30 -0.76 -9.51
CA ASN A 76 -6.54 -0.05 -9.17
C ASN A 76 -6.23 1.33 -8.59
N THR A 77 -5.17 1.39 -7.78
CA THR A 77 -4.77 2.60 -7.03
C THR A 77 -5.84 3.00 -6.01
N PRO A 78 -5.41 3.52 -4.84
CA PRO A 78 -6.33 3.87 -3.74
C PRO A 78 -7.42 4.85 -4.16
N GLU A 79 -7.02 5.95 -4.79
CA GLU A 79 -7.94 7.07 -5.08
C GLU A 79 -9.15 6.62 -5.91
N GLN A 80 -8.96 5.62 -6.76
CA GLN A 80 -10.02 5.12 -7.62
C GLN A 80 -11.01 4.26 -6.82
N LEU A 81 -10.57 3.78 -5.67
CA LEU A 81 -11.34 2.81 -4.91
C LEU A 81 -12.27 3.48 -3.91
N GLY A 82 -11.86 4.63 -3.40
CA GLY A 82 -12.66 5.32 -2.41
C GLY A 82 -11.93 5.39 -1.10
N ILE A 83 -10.93 4.53 -0.97
CA ILE A 83 -9.99 4.59 0.10
C ILE A 83 -8.84 5.49 -0.34
N GLU A 84 -8.09 6.03 0.61
CA GLU A 84 -7.05 6.97 0.29
C GLU A 84 -6.01 6.91 1.40
N ASP A 85 -5.28 8.01 1.66
CA ASP A 85 -4.24 8.02 2.69
C ASP A 85 -4.71 7.34 3.97
N GLY A 86 -4.01 6.28 4.35
CA GLY A 86 -4.41 5.50 5.50
C GLY A 86 -4.96 4.15 5.09
N ASP A 87 -4.89 3.87 3.79
CA ASP A 87 -5.36 2.60 3.24
C ASP A 87 -4.57 1.45 3.83
N VAL A 88 -5.20 0.29 3.91
CA VAL A 88 -4.56 -0.89 4.47
C VAL A 88 -4.67 -2.07 3.52
N ILE A 89 -3.68 -2.93 3.57
CA ILE A 89 -3.59 -4.06 2.68
C ILE A 89 -3.37 -5.31 3.51
N ASP A 90 -4.35 -6.18 3.53
CA ASP A 90 -4.31 -7.33 4.40
C ASP A 90 -3.94 -8.56 3.60
N ALA A 91 -2.90 -9.26 4.05
CA ALA A 91 -2.42 -10.44 3.33
C ALA A 91 -2.83 -11.74 4.04
N MET A 92 -3.61 -12.56 3.34
CA MET A 92 -3.94 -13.90 3.81
C MET A 92 -2.98 -14.91 3.18
N VAL A 93 -3.02 -16.15 3.64
CA VAL A 93 -2.13 -17.17 3.10
C VAL A 93 -2.39 -17.43 1.62
N GLN A 94 -1.38 -17.15 0.80
CA GLN A 94 -1.40 -17.36 -0.65
C GLN A 94 -2.53 -16.58 -1.33
N GLN A 95 -3.69 -17.20 -1.45
CA GLN A 95 -4.83 -16.55 -2.08
C GLN A 95 -6.09 -16.82 -1.27
N THR A 96 -5.89 -17.24 -0.02
CA THR A 96 -6.99 -17.67 0.84
C THR A 96 -7.66 -18.90 0.23
N GLY A 97 -6.84 -19.88 -0.10
CA GLY A 97 -7.33 -21.07 -0.74
C GLY A 97 -6.54 -21.41 -1.98
N GLY A 98 -6.73 -20.61 -3.02
CA GLY A 98 -6.03 -20.82 -4.27
C GLY A 98 -6.99 -21.09 -5.41
N MET A 1 -22.64 -8.55 14.11
CA MET A 1 -23.20 -7.74 13.00
C MET A 1 -22.15 -6.75 12.49
N GLY A 2 -21.71 -6.97 11.26
CA GLY A 2 -20.70 -6.10 10.67
C GLY A 2 -20.71 -6.20 9.17
N ASP A 3 -21.76 -5.66 8.57
CA ASP A 3 -21.93 -5.71 7.11
C ASP A 3 -20.98 -4.72 6.45
N ASP A 4 -20.55 -5.06 5.24
CA ASP A 4 -19.59 -4.25 4.49
C ASP A 4 -20.14 -2.85 4.24
N ASP A 5 -21.44 -2.77 3.96
CA ASP A 5 -22.08 -1.52 3.59
C ASP A 5 -22.13 -0.56 4.78
N SER A 6 -22.25 -1.10 5.99
CA SER A 6 -22.28 -0.28 7.18
C SER A 6 -20.88 0.11 7.63
N ALA A 7 -19.91 -0.73 7.29
CA ALA A 7 -18.52 -0.48 7.65
C ALA A 7 -17.87 0.49 6.66
N VAL A 8 -17.85 0.09 5.39
CA VAL A 8 -17.20 0.88 4.36
C VAL A 8 -18.22 1.76 3.64
N ASN A 9 -18.37 2.98 4.14
CA ASN A 9 -19.23 3.97 3.49
C ASN A 9 -18.51 5.32 3.49
N ASN A 10 -19.18 6.37 3.01
CA ASN A 10 -18.56 7.68 2.81
C ASN A 10 -17.45 7.57 1.78
N ASN A 11 -17.63 6.68 0.82
CA ASN A 11 -16.59 6.42 -0.17
C ASN A 11 -16.80 7.27 -1.42
N GLY A 12 -16.04 8.35 -1.53
CA GLY A 12 -16.05 9.17 -2.71
C GLY A 12 -14.70 9.15 -3.39
N SER A 13 -14.68 8.79 -4.66
CA SER A 13 -13.43 8.61 -5.40
C SER A 13 -12.61 9.89 -5.42
N SER A 14 -11.32 9.76 -5.10
CA SER A 14 -10.42 10.88 -5.07
C SER A 14 -9.99 11.22 -6.50
N PRO A 15 -10.31 12.44 -6.97
CA PRO A 15 -10.08 12.85 -8.35
C PRO A 15 -8.60 13.13 -8.65
N VAL A 16 -7.78 12.08 -8.56
CA VAL A 16 -6.35 12.14 -8.89
C VAL A 16 -5.59 13.01 -7.87
N ASN A 17 -4.76 12.37 -7.06
CA ASN A 17 -4.02 13.10 -6.03
C ASN A 17 -2.54 13.16 -6.37
N ASN A 18 -2.06 14.35 -6.69
CA ASN A 18 -0.65 14.58 -6.95
C ASN A 18 -0.29 16.04 -6.70
N GLN A 19 -0.94 16.64 -5.70
CA GLN A 19 -0.77 18.06 -5.40
C GLN A 19 0.57 18.35 -4.71
N GLY A 20 1.55 17.48 -4.91
CA GLY A 20 2.84 17.67 -4.30
C GLY A 20 2.95 17.00 -2.95
N GLU A 21 1.95 16.19 -2.62
CA GLU A 21 1.91 15.50 -1.35
C GLU A 21 2.14 14.00 -1.56
N HIS A 22 2.64 13.35 -0.52
CA HIS A 22 2.95 11.93 -0.59
C HIS A 22 1.78 11.12 -0.06
N ILE A 23 1.74 9.84 -0.41
CA ILE A 23 0.63 8.98 -0.01
C ILE A 23 1.11 7.98 1.04
N GLN A 24 0.17 7.27 1.64
CA GLN A 24 0.47 6.36 2.74
C GLN A 24 -0.48 5.16 2.66
N VAL A 25 0.05 3.98 2.90
CA VAL A 25 -0.74 2.77 2.89
C VAL A 25 -0.15 1.73 3.84
N LYS A 26 -0.99 1.06 4.59
CA LYS A 26 -0.55 0.01 5.49
C LYS A 26 -0.82 -1.34 4.90
N VAL A 27 0.11 -2.26 5.08
CA VAL A 27 -0.09 -3.62 4.66
C VAL A 27 0.00 -4.48 5.90
N ARG A 28 -1.16 -4.87 6.40
CA ARG A 28 -1.22 -5.65 7.62
C ARG A 28 -0.67 -7.01 7.33
N SER A 29 0.47 -7.29 7.89
CA SER A 29 1.02 -8.61 7.76
C SER A 29 0.03 -9.63 8.35
N PRO A 30 0.10 -10.92 7.95
CA PRO A 30 -0.88 -11.94 8.37
C PRO A 30 -0.88 -12.25 9.87
N ASP A 31 -0.50 -11.29 10.69
CA ASP A 31 -0.49 -11.46 12.13
C ASP A 31 -1.19 -10.30 12.82
N GLY A 32 -1.27 -9.17 12.12
CA GLY A 32 -1.81 -7.96 12.72
C GLY A 32 -0.75 -6.90 12.88
N ALA A 33 0.49 -7.26 12.57
CA ALA A 33 1.58 -6.31 12.58
C ALA A 33 1.53 -5.44 11.34
N GLU A 34 0.84 -4.32 11.45
CA GLU A 34 0.57 -3.47 10.30
C GLU A 34 1.52 -2.29 10.30
N VAL A 35 2.43 -2.28 9.35
CA VAL A 35 3.43 -1.23 9.25
C VAL A 35 3.04 -0.25 8.16
N PHE A 36 3.14 1.04 8.47
CA PHE A 36 2.76 2.08 7.53
C PHE A 36 3.82 2.25 6.46
N PHE A 37 3.42 2.04 5.23
CA PHE A 37 4.30 2.27 4.11
C PHE A 37 3.74 3.47 3.35
N LYS A 38 4.48 4.01 2.38
CA LYS A 38 4.04 5.24 1.75
C LYS A 38 4.28 5.22 0.25
N ILE A 39 3.69 6.20 -0.42
CA ILE A 39 3.88 6.36 -1.85
C ILE A 39 4.55 7.71 -2.09
N LYS A 40 5.56 7.72 -2.95
CA LYS A 40 6.31 8.95 -3.23
C LYS A 40 6.10 9.34 -4.68
N ARG A 41 6.66 8.55 -5.58
CA ARG A 41 6.32 8.63 -6.98
C ARG A 41 5.04 7.81 -7.17
N LYS A 42 4.21 8.12 -8.16
CA LYS A 42 2.97 7.36 -8.35
C LYS A 42 3.30 5.91 -8.58
N THR A 43 3.14 5.11 -7.55
CA THR A 43 3.51 3.72 -7.61
C THR A 43 2.36 2.81 -7.22
N LYS A 44 1.99 1.98 -8.18
CA LYS A 44 1.08 0.84 -8.00
C LYS A 44 1.12 0.25 -6.58
N LEU A 45 -0.02 -0.32 -6.19
CA LEU A 45 -0.13 -1.05 -4.93
C LEU A 45 0.76 -2.29 -4.96
N GLU A 46 1.14 -2.69 -6.18
CA GLU A 46 1.96 -3.88 -6.36
C GLU A 46 3.29 -3.75 -5.63
N LYS A 47 4.01 -2.66 -5.85
CA LYS A 47 5.31 -2.48 -5.19
C LYS A 47 5.12 -2.31 -3.69
N LEU A 48 3.97 -1.75 -3.30
CA LEU A 48 3.64 -1.53 -1.90
C LEU A 48 3.59 -2.86 -1.16
N MET A 49 3.18 -3.91 -1.86
CA MET A 49 3.13 -5.24 -1.25
C MET A 49 4.40 -6.02 -1.56
N GLU A 50 5.02 -5.75 -2.71
CA GLU A 50 6.25 -6.45 -3.10
C GLU A 50 7.40 -6.09 -2.18
N VAL A 51 7.43 -4.86 -1.69
CA VAL A 51 8.42 -4.47 -0.69
C VAL A 51 8.30 -5.37 0.53
N TYR A 52 7.08 -5.70 0.90
CA TYR A 52 6.84 -6.56 2.05
C TYR A 52 7.10 -8.02 1.69
N CYS A 53 6.87 -8.41 0.43
CA CYS A 53 7.21 -9.74 -0.03
C CYS A 53 8.68 -10.05 0.24
N ASN A 54 9.54 -9.12 -0.15
CA ASN A 54 10.98 -9.30 -0.01
C ASN A 54 11.42 -9.14 1.44
N ARG A 55 10.61 -8.43 2.23
CA ARG A 55 10.92 -8.22 3.63
C ARG A 55 10.53 -9.44 4.47
N LEU A 56 9.46 -10.10 4.06
CA LEU A 56 8.98 -11.29 4.77
C LEU A 56 9.73 -12.53 4.31
N GLY A 57 10.32 -12.46 3.12
CA GLY A 57 11.06 -13.58 2.58
C GLY A 57 10.20 -14.44 1.68
N GLN A 58 8.95 -14.04 1.51
CA GLN A 58 8.01 -14.77 0.68
C GLN A 58 7.25 -13.78 -0.19
N SER A 59 7.16 -14.06 -1.48
CA SER A 59 6.67 -13.09 -2.45
C SER A 59 5.16 -13.12 -2.61
N MET A 60 4.66 -12.25 -3.47
CA MET A 60 3.24 -11.89 -3.52
C MET A 60 2.34 -12.99 -4.09
N GLU A 61 2.90 -13.98 -4.79
CA GLU A 61 2.07 -15.10 -5.26
C GLU A 61 1.85 -16.11 -4.13
N ALA A 62 2.42 -15.80 -2.97
CA ALA A 62 2.27 -16.61 -1.79
C ALA A 62 1.53 -15.82 -0.72
N VAL A 63 0.95 -14.69 -1.12
CA VAL A 63 0.10 -13.91 -0.24
C VAL A 63 -1.17 -13.48 -0.99
N ARG A 64 -2.25 -13.26 -0.25
CA ARG A 64 -3.48 -12.77 -0.83
C ARG A 64 -3.76 -11.36 -0.31
N PHE A 65 -3.68 -10.39 -1.19
CA PHE A 65 -3.89 -9.00 -0.84
C PHE A 65 -5.37 -8.62 -0.86
N LEU A 66 -5.88 -8.26 0.31
CA LEU A 66 -7.25 -7.75 0.44
C LEU A 66 -7.23 -6.30 0.86
N TYR A 67 -8.14 -5.50 0.34
CA TYR A 67 -8.15 -4.07 0.60
C TYR A 67 -9.26 -3.73 1.59
N ASP A 68 -8.88 -3.50 2.83
CA ASP A 68 -9.80 -3.12 3.91
C ASP A 68 -11.04 -4.02 3.92
N GLY A 69 -10.82 -5.33 3.88
CA GLY A 69 -11.91 -6.27 3.92
C GLY A 69 -12.29 -6.84 2.55
N ASP A 70 -11.96 -6.13 1.48
CA ASP A 70 -12.30 -6.61 0.14
C ASP A 70 -11.06 -6.67 -0.76
N ARG A 71 -10.77 -7.85 -1.27
CA ARG A 71 -9.62 -8.09 -2.12
C ARG A 71 -9.64 -7.20 -3.37
N ILE A 72 -8.46 -6.75 -3.77
CA ILE A 72 -8.32 -5.78 -4.86
C ILE A 72 -7.21 -6.21 -5.80
N HIS A 73 -6.94 -5.40 -6.84
CA HIS A 73 -5.82 -5.64 -7.72
C HIS A 73 -4.78 -4.53 -7.51
N GLY A 74 -3.52 -4.86 -7.69
CA GLY A 74 -2.43 -3.96 -7.35
C GLY A 74 -2.34 -2.72 -8.23
N ASP A 75 -2.98 -2.76 -9.40
CA ASP A 75 -2.88 -1.65 -10.34
C ASP A 75 -4.01 -0.65 -10.13
N ASN A 76 -4.93 -0.96 -9.21
CA ASN A 76 -6.11 -0.12 -9.01
C ASN A 76 -5.77 1.19 -8.32
N THR A 77 -4.91 1.12 -7.29
CA THR A 77 -4.50 2.27 -6.46
C THR A 77 -5.65 2.82 -5.61
N PRO A 78 -5.34 3.35 -4.41
CA PRO A 78 -6.35 3.78 -3.43
C PRO A 78 -7.25 4.91 -3.94
N GLU A 79 -6.64 5.94 -4.52
CA GLU A 79 -7.36 7.12 -4.96
C GLU A 79 -8.42 6.78 -6.01
N GLN A 80 -8.21 5.67 -6.70
CA GLN A 80 -9.15 5.19 -7.70
C GLN A 80 -10.52 4.95 -7.09
N LEU A 81 -10.54 4.40 -5.89
CA LEU A 81 -11.80 4.04 -5.24
C LEU A 81 -12.31 5.19 -4.37
N GLY A 82 -11.38 5.95 -3.82
CA GLY A 82 -11.74 7.06 -2.96
C GLY A 82 -11.27 6.85 -1.54
N ILE A 83 -10.98 5.60 -1.20
CA ILE A 83 -10.34 5.30 0.06
C ILE A 83 -8.86 5.67 -0.07
N GLU A 84 -8.43 6.61 0.74
CA GLU A 84 -7.11 7.21 0.54
C GLU A 84 -6.35 7.25 1.87
N ASP A 85 -5.16 7.89 1.82
CA ASP A 85 -4.21 8.03 2.95
C ASP A 85 -4.71 7.48 4.28
N GLY A 86 -4.09 6.40 4.72
CA GLY A 86 -4.49 5.76 5.95
C GLY A 86 -5.19 4.45 5.69
N ASP A 87 -5.25 4.06 4.42
CA ASP A 87 -5.90 2.81 4.02
C ASP A 87 -4.98 1.62 4.29
N VAL A 88 -5.53 0.42 4.21
CA VAL A 88 -4.78 -0.78 4.58
C VAL A 88 -5.02 -1.92 3.59
N ILE A 89 -4.03 -2.79 3.50
CA ILE A 89 -4.06 -3.99 2.68
C ILE A 89 -3.67 -5.18 3.53
N ASP A 90 -4.48 -6.22 3.54
CA ASP A 90 -4.20 -7.39 4.35
C ASP A 90 -3.61 -8.49 3.48
N ALA A 91 -2.58 -9.15 3.99
CA ALA A 91 -1.98 -10.26 3.27
C ALA A 91 -2.32 -11.58 3.94
N MET A 92 -3.01 -12.43 3.20
CA MET A 92 -3.30 -13.79 3.65
C MET A 92 -2.32 -14.76 3.02
N VAL A 93 -2.31 -16.00 3.46
CA VAL A 93 -1.38 -17.00 2.93
C VAL A 93 -1.80 -17.45 1.53
N GLN A 94 -1.06 -16.94 0.54
CA GLN A 94 -1.26 -17.26 -0.88
C GLN A 94 -2.65 -16.87 -1.36
N GLN A 95 -2.91 -17.05 -2.65
CA GLN A 95 -4.17 -16.63 -3.24
C GLN A 95 -5.28 -17.61 -2.93
N THR A 96 -6.01 -17.33 -1.85
CA THR A 96 -7.20 -18.07 -1.46
C THR A 96 -6.84 -19.39 -0.76
N GLY A 97 -5.70 -19.96 -1.12
CA GLY A 97 -5.25 -21.20 -0.51
C GLY A 97 -4.57 -22.10 -1.52
N GLY A 98 -5.12 -22.14 -2.72
CA GLY A 98 -4.56 -22.95 -3.77
C GLY A 98 -5.63 -23.54 -4.66
N MET A 1 15.77 19.16 25.71
CA MET A 1 16.87 19.65 24.83
C MET A 1 16.35 19.89 23.44
N GLY A 2 17.10 20.64 22.64
CA GLY A 2 16.74 20.84 21.26
C GLY A 2 16.73 22.31 20.85
N ASP A 3 16.67 22.54 19.55
CA ASP A 3 16.60 23.89 19.02
C ASP A 3 15.22 24.14 18.42
N ASP A 4 14.57 25.20 18.87
CA ASP A 4 13.21 25.52 18.43
C ASP A 4 13.23 26.35 17.15
N ASP A 5 14.29 27.13 16.97
CA ASP A 5 14.41 28.04 15.83
C ASP A 5 14.42 27.30 14.51
N SER A 6 15.04 26.13 14.50
CA SER A 6 15.18 25.34 13.29
C SER A 6 13.88 24.61 12.94
N ALA A 7 12.92 24.61 13.85
CA ALA A 7 11.68 23.89 13.66
C ALA A 7 10.55 24.83 13.23
N VAL A 8 10.90 26.02 12.80
CA VAL A 8 9.90 26.98 12.32
C VAL A 8 9.44 26.60 10.91
N ASN A 9 10.40 26.19 10.08
CA ASN A 9 10.16 25.74 8.69
C ASN A 9 9.19 26.67 7.96
N ASN A 10 9.40 27.97 8.09
CA ASN A 10 8.54 28.95 7.46
C ASN A 10 8.80 29.00 5.95
N ASN A 11 8.17 28.07 5.24
CA ASN A 11 8.27 27.98 3.79
C ASN A 11 7.31 26.91 3.28
N GLY A 12 6.38 27.31 2.43
CA GLY A 12 5.37 26.38 1.95
C GLY A 12 5.84 25.62 0.73
N SER A 13 6.18 24.36 0.93
CA SER A 13 6.54 23.48 -0.18
C SER A 13 5.29 23.09 -0.96
N SER A 14 5.09 23.74 -2.10
CA SER A 14 3.93 23.46 -2.93
C SER A 14 4.12 22.18 -3.73
N PRO A 15 3.21 21.21 -3.57
CA PRO A 15 3.29 19.91 -4.25
C PRO A 15 2.96 20.00 -5.74
N VAL A 16 2.86 21.23 -6.26
CA VAL A 16 2.54 21.45 -7.66
C VAL A 16 3.71 21.09 -8.56
N ASN A 17 3.72 19.83 -9.01
CA ASN A 17 4.74 19.33 -9.95
C ASN A 17 6.12 19.26 -9.29
N ASN A 18 6.18 19.62 -8.02
CA ASN A 18 7.44 19.63 -7.28
C ASN A 18 7.93 18.20 -7.06
N GLN A 19 7.22 17.47 -6.23
CA GLN A 19 7.59 16.09 -5.94
C GLN A 19 6.38 15.17 -6.13
N GLY A 20 5.28 15.48 -5.47
CA GLY A 20 4.07 14.67 -5.60
C GLY A 20 3.26 14.67 -4.33
N GLU A 21 2.25 13.83 -4.28
CA GLU A 21 1.41 13.72 -3.09
C GLU A 21 1.80 12.48 -2.29
N HIS A 22 2.31 12.71 -1.10
CA HIS A 22 2.73 11.63 -0.22
C HIS A 22 1.54 10.82 0.27
N ILE A 23 1.62 9.52 0.08
CA ILE A 23 0.59 8.60 0.53
C ILE A 23 1.19 7.68 1.60
N GLN A 24 0.34 7.01 2.34
CA GLN A 24 0.72 6.10 3.40
C GLN A 24 -0.34 5.02 3.56
N VAL A 25 0.03 3.79 3.30
CA VAL A 25 -0.87 2.66 3.50
C VAL A 25 -0.35 1.79 4.63
N LYS A 26 -1.04 0.71 4.92
CA LYS A 26 -0.58 -0.22 5.92
C LYS A 26 -0.94 -1.65 5.53
N VAL A 27 0.06 -2.45 5.28
CA VAL A 27 -0.17 -3.81 4.92
C VAL A 27 -0.09 -4.62 6.19
N ARG A 28 -1.25 -4.86 6.78
CA ARG A 28 -1.31 -5.65 7.99
C ARG A 28 -0.99 -7.06 7.64
N SER A 29 0.21 -7.44 8.00
CA SER A 29 0.65 -8.79 7.74
C SER A 29 -0.32 -9.76 8.44
N PRO A 30 -0.33 -11.06 8.08
CA PRO A 30 -1.30 -12.04 8.62
C PRO A 30 -1.10 -12.34 10.12
N ASP A 31 -0.57 -11.36 10.85
CA ASP A 31 -0.31 -11.51 12.27
C ASP A 31 -0.88 -10.34 13.05
N GLY A 32 -1.04 -9.22 12.37
CA GLY A 32 -1.47 -8.01 13.04
C GLY A 32 -0.37 -6.98 13.05
N ALA A 33 0.81 -7.39 12.61
CA ALA A 33 1.92 -6.47 12.43
C ALA A 33 1.64 -5.57 11.23
N GLU A 34 1.02 -4.45 11.51
CA GLU A 34 0.57 -3.54 10.48
C GLU A 34 1.56 -2.39 10.36
N VAL A 35 2.39 -2.46 9.34
CA VAL A 35 3.47 -1.49 9.17
C VAL A 35 3.09 -0.48 8.11
N PHE A 36 3.23 0.80 8.44
CA PHE A 36 2.89 1.87 7.52
C PHE A 36 3.91 1.94 6.40
N PHE A 37 3.41 1.81 5.18
CA PHE A 37 4.24 1.85 4.01
C PHE A 37 3.77 3.01 3.15
N LYS A 38 4.67 3.87 2.75
CA LYS A 38 4.28 5.16 2.18
C LYS A 38 4.45 5.17 0.69
N ILE A 39 3.81 6.12 0.04
CA ILE A 39 3.96 6.32 -1.37
C ILE A 39 4.60 7.67 -1.62
N LYS A 40 5.59 7.72 -2.50
CA LYS A 40 6.36 8.94 -2.73
C LYS A 40 5.74 9.73 -3.88
N ARG A 41 6.02 9.30 -5.11
CA ARG A 41 5.26 9.74 -6.26
C ARG A 41 4.22 8.68 -6.54
N LYS A 42 3.28 8.96 -7.43
CA LYS A 42 2.22 8.00 -7.74
C LYS A 42 2.82 6.67 -8.17
N THR A 43 2.83 5.74 -7.25
CA THR A 43 3.29 4.40 -7.53
C THR A 43 2.20 3.41 -7.22
N LYS A 44 1.75 2.73 -8.27
CA LYS A 44 0.73 1.68 -8.19
C LYS A 44 0.87 0.85 -6.91
N LEU A 45 -0.27 0.62 -6.25
CA LEU A 45 -0.33 0.07 -4.90
C LEU A 45 0.37 -1.29 -4.76
N GLU A 46 0.56 -1.96 -5.87
CA GLU A 46 1.08 -3.33 -5.84
C GLU A 46 2.52 -3.39 -5.32
N LYS A 47 3.25 -2.30 -5.45
CA LYS A 47 4.63 -2.27 -4.98
C LYS A 47 4.67 -2.26 -3.45
N LEU A 48 3.63 -1.71 -2.84
CA LEU A 48 3.56 -1.56 -1.39
C LEU A 48 3.65 -2.90 -0.68
N MET A 49 3.00 -3.93 -1.23
CA MET A 49 3.06 -5.24 -0.60
C MET A 49 4.17 -6.09 -1.20
N GLU A 50 4.59 -5.80 -2.44
CA GLU A 50 5.63 -6.62 -3.08
C GLU A 50 6.99 -6.34 -2.47
N VAL A 51 7.25 -5.08 -2.15
CA VAL A 51 8.50 -4.72 -1.47
C VAL A 51 8.54 -5.39 -0.10
N TYR A 52 7.36 -5.67 0.43
CA TYR A 52 7.23 -6.38 1.70
C TYR A 52 7.38 -7.89 1.47
N CYS A 53 6.90 -8.39 0.34
CA CYS A 53 7.08 -9.78 -0.05
C CYS A 53 8.56 -10.17 0.00
N ASN A 54 9.36 -9.45 -0.76
CA ASN A 54 10.79 -9.73 -0.87
C ASN A 54 11.51 -9.43 0.45
N ARG A 55 10.88 -8.62 1.28
CA ARG A 55 11.47 -8.21 2.55
C ARG A 55 11.61 -9.38 3.51
N LEU A 56 10.55 -10.17 3.64
CA LEU A 56 10.57 -11.30 4.57
C LEU A 56 10.88 -12.62 3.86
N GLY A 57 10.85 -12.60 2.53
CA GLY A 57 11.25 -13.78 1.77
C GLY A 57 10.08 -14.66 1.35
N GLN A 58 8.92 -14.04 1.15
CA GLN A 58 7.74 -14.75 0.65
C GLN A 58 6.89 -13.77 -0.13
N SER A 59 6.51 -14.15 -1.34
CA SER A 59 5.90 -13.21 -2.26
C SER A 59 4.36 -13.21 -2.19
N MET A 60 3.74 -12.34 -2.98
CA MET A 60 2.35 -11.95 -2.81
C MET A 60 1.34 -13.01 -3.28
N GLU A 61 1.78 -14.01 -4.03
CA GLU A 61 0.90 -15.13 -4.35
C GLU A 61 0.86 -16.10 -3.17
N ALA A 62 1.72 -15.86 -2.20
CA ALA A 62 1.75 -16.63 -0.96
C ALA A 62 1.25 -15.77 0.20
N VAL A 63 1.32 -14.46 0.03
CA VAL A 63 0.63 -13.52 0.90
C VAL A 63 -0.18 -12.55 0.06
N ARG A 64 -1.48 -12.80 -0.03
CA ARG A 64 -2.33 -12.10 -0.97
C ARG A 64 -2.78 -10.75 -0.43
N PHE A 65 -3.00 -9.83 -1.34
CA PHE A 65 -3.33 -8.45 -0.98
C PHE A 65 -4.84 -8.22 -0.98
N LEU A 66 -5.40 -8.16 0.22
CA LEU A 66 -6.81 -7.78 0.39
C LEU A 66 -6.88 -6.32 0.79
N TYR A 67 -7.74 -5.56 0.15
CA TYR A 67 -7.79 -4.13 0.40
C TYR A 67 -8.99 -3.78 1.26
N ASP A 68 -8.70 -3.38 2.51
CA ASP A 68 -9.72 -3.10 3.52
C ASP A 68 -10.65 -4.30 3.67
N GLY A 69 -10.08 -5.49 3.57
CA GLY A 69 -10.85 -6.70 3.73
C GLY A 69 -11.24 -7.34 2.41
N ASP A 70 -11.26 -6.54 1.34
CA ASP A 70 -11.67 -7.06 0.04
C ASP A 70 -10.50 -7.05 -0.94
N ARG A 71 -10.12 -8.25 -1.36
CA ARG A 71 -8.97 -8.44 -2.24
C ARG A 71 -9.24 -7.98 -3.66
N ILE A 72 -8.46 -6.99 -4.10
CA ILE A 72 -8.51 -6.50 -5.47
C ILE A 72 -7.09 -6.38 -6.00
N HIS A 73 -6.90 -5.64 -7.09
CA HIS A 73 -5.56 -5.41 -7.60
C HIS A 73 -5.13 -3.97 -7.36
N GLY A 74 -3.87 -3.79 -6.96
CA GLY A 74 -3.36 -2.47 -6.70
C GLY A 74 -3.19 -1.65 -7.96
N ASP A 75 -3.32 -2.31 -9.10
CA ASP A 75 -3.30 -1.65 -10.41
C ASP A 75 -4.40 -0.59 -10.49
N ASN A 76 -5.48 -0.81 -9.75
CA ASN A 76 -6.62 0.09 -9.74
C ASN A 76 -6.26 1.44 -9.12
N THR A 77 -5.15 1.45 -8.37
CA THR A 77 -4.62 2.66 -7.69
C THR A 77 -5.61 3.27 -6.68
N PRO A 78 -5.08 4.02 -5.71
CA PRO A 78 -5.90 4.61 -4.64
C PRO A 78 -6.77 5.76 -5.14
N GLU A 79 -6.16 6.62 -5.95
CA GLU A 79 -6.81 7.83 -6.45
C GLU A 79 -8.06 7.51 -7.29
N GLN A 80 -8.04 6.34 -7.92
CA GLN A 80 -9.11 5.95 -8.82
C GLN A 80 -10.29 5.35 -8.06
N LEU A 81 -10.01 4.63 -6.98
CA LEU A 81 -11.08 3.98 -6.23
C LEU A 81 -11.62 4.92 -5.15
N GLY A 82 -10.77 5.81 -4.66
CA GLY A 82 -11.19 6.78 -3.67
C GLY A 82 -10.63 6.44 -2.31
N ILE A 83 -10.21 5.20 -2.15
CA ILE A 83 -9.57 4.77 -0.92
C ILE A 83 -8.06 4.98 -1.04
N GLU A 84 -7.51 5.77 -0.13
CA GLU A 84 -6.11 6.12 -0.19
C GLU A 84 -5.61 6.51 1.20
N ASP A 85 -4.55 7.33 1.24
CA ASP A 85 -3.76 7.61 2.46
C ASP A 85 -4.53 7.34 3.76
N GLY A 86 -4.11 6.28 4.43
CA GLY A 86 -4.74 5.87 5.66
C GLY A 86 -5.39 4.51 5.54
N ASP A 87 -5.39 3.99 4.31
CA ASP A 87 -5.99 2.69 4.03
C ASP A 87 -5.07 1.55 4.47
N VAL A 88 -5.57 0.33 4.42
CA VAL A 88 -4.79 -0.82 4.84
C VAL A 88 -4.97 -1.98 3.88
N ILE A 89 -4.00 -2.88 3.90
CA ILE A 89 -3.99 -4.05 3.05
C ILE A 89 -3.77 -5.29 3.91
N ASP A 90 -4.64 -6.25 3.80
CA ASP A 90 -4.58 -7.44 4.63
C ASP A 90 -3.92 -8.57 3.86
N ALA A 91 -2.88 -9.15 4.43
CA ALA A 91 -2.17 -10.24 3.78
C ALA A 91 -2.80 -11.59 4.11
N MET A 92 -3.29 -12.27 3.08
CA MET A 92 -3.90 -13.59 3.23
C MET A 92 -2.91 -14.67 2.79
N VAL A 93 -3.02 -15.85 3.38
CA VAL A 93 -2.15 -16.96 2.98
C VAL A 93 -2.49 -17.42 1.56
N GLN A 94 -1.65 -17.01 0.62
CA GLN A 94 -1.81 -17.31 -0.81
C GLN A 94 -3.09 -16.71 -1.38
N GLN A 95 -3.31 -16.94 -2.66
CA GLN A 95 -4.50 -16.47 -3.34
C GLN A 95 -5.59 -17.53 -3.30
N THR A 96 -5.69 -18.22 -2.16
CA THR A 96 -6.62 -19.32 -1.97
C THR A 96 -6.15 -20.59 -2.68
N GLY A 97 -5.57 -20.42 -3.87
CA GLY A 97 -5.02 -21.54 -4.59
C GLY A 97 -5.15 -21.38 -6.08
N GLY A 98 -4.05 -21.06 -6.74
CA GLY A 98 -4.06 -20.94 -8.17
C GLY A 98 -2.85 -20.20 -8.68
N MET A 1 -18.25 37.88 5.58
CA MET A 1 -18.70 37.30 6.87
C MET A 1 -17.71 36.22 7.29
N GLY A 2 -16.98 36.47 8.38
CA GLY A 2 -15.86 35.61 8.72
C GLY A 2 -14.73 35.82 7.75
N ASP A 3 -14.28 37.07 7.67
CA ASP A 3 -13.42 37.51 6.57
C ASP A 3 -11.95 37.26 6.84
N ASP A 4 -11.13 37.69 5.88
CA ASP A 4 -9.69 37.45 5.89
C ASP A 4 -8.97 38.35 6.89
N ASP A 5 -9.67 39.35 7.41
CA ASP A 5 -9.09 40.35 8.31
C ASP A 5 -8.32 39.72 9.49
N SER A 6 -8.71 38.51 9.87
CA SER A 6 -8.08 37.82 10.99
C SER A 6 -6.66 37.35 10.64
N ALA A 7 -6.37 37.23 9.35
CA ALA A 7 -5.12 36.65 8.89
C ALA A 7 -4.08 37.71 8.54
N VAL A 8 -4.14 38.86 9.22
CA VAL A 8 -3.16 39.92 8.99
C VAL A 8 -1.81 39.57 9.63
N ASN A 9 -0.93 39.03 8.80
CA ASN A 9 0.40 38.56 9.22
C ASN A 9 0.28 37.49 10.31
N ASN A 10 -0.91 36.91 10.42
CA ASN A 10 -1.16 35.86 11.39
C ASN A 10 -1.04 34.51 10.70
N ASN A 11 0.17 34.01 10.63
CA ASN A 11 0.43 32.74 9.95
C ASN A 11 1.41 31.88 10.73
N GLY A 12 0.96 30.69 11.09
CA GLY A 12 1.85 29.72 11.69
C GLY A 12 2.32 28.71 10.68
N SER A 13 3.14 27.76 11.11
CA SER A 13 3.64 26.73 10.21
C SER A 13 2.58 25.66 9.98
N SER A 14 1.99 25.18 11.08
CA SER A 14 0.94 24.16 11.04
C SER A 14 1.48 22.81 10.57
N PRO A 15 1.60 21.84 11.49
CA PRO A 15 2.01 20.47 11.15
C PRO A 15 1.01 19.81 10.20
N VAL A 16 -0.25 20.20 10.34
CA VAL A 16 -1.31 19.73 9.47
C VAL A 16 -1.31 20.54 8.18
N ASN A 17 -1.31 19.85 7.05
CA ASN A 17 -1.31 20.50 5.75
C ASN A 17 -2.12 19.68 4.76
N ASN A 18 -2.89 20.36 3.94
CA ASN A 18 -3.79 19.69 2.99
C ASN A 18 -3.18 19.65 1.58
N GLN A 19 -1.86 19.73 1.53
CA GLN A 19 -1.14 19.68 0.26
C GLN A 19 -0.52 18.30 0.07
N GLY A 20 -1.15 17.30 0.69
CA GLY A 20 -0.63 15.94 0.72
C GLY A 20 -0.13 15.45 -0.62
N GLU A 21 1.18 15.40 -0.76
CA GLU A 21 1.82 14.93 -1.98
C GLU A 21 2.35 13.53 -1.76
N HIS A 22 2.46 13.15 -0.50
CA HIS A 22 2.92 11.82 -0.13
C HIS A 22 1.79 11.04 0.54
N ILE A 23 1.73 9.75 0.26
CA ILE A 23 0.66 8.91 0.78
C ILE A 23 1.23 7.94 1.82
N GLN A 24 0.35 7.35 2.61
CA GLN A 24 0.74 6.45 3.67
C GLN A 24 -0.18 5.24 3.68
N VAL A 25 0.41 4.06 3.62
CA VAL A 25 -0.36 2.82 3.56
C VAL A 25 0.16 1.83 4.59
N LYS A 26 -0.74 1.13 5.24
CA LYS A 26 -0.33 0.13 6.21
C LYS A 26 -0.66 -1.26 5.70
N VAL A 27 0.37 -2.08 5.52
CA VAL A 27 0.16 -3.41 5.05
C VAL A 27 0.08 -4.32 6.25
N ARG A 28 -1.13 -4.73 6.56
CA ARG A 28 -1.35 -5.59 7.70
C ARG A 28 -0.75 -6.93 7.39
N SER A 29 0.32 -7.23 8.08
CA SER A 29 0.94 -8.52 7.91
C SER A 29 -0.07 -9.61 8.28
N PRO A 30 0.13 -10.87 7.81
CA PRO A 30 -0.84 -11.96 7.99
C PRO A 30 -1.12 -12.36 9.46
N ASP A 31 -0.87 -11.44 10.39
CA ASP A 31 -1.11 -11.69 11.80
C ASP A 31 -1.88 -10.54 12.43
N GLY A 32 -1.77 -9.37 11.84
CA GLY A 32 -2.39 -8.20 12.41
C GLY A 32 -1.36 -7.16 12.82
N ALA A 33 -0.10 -7.45 12.56
CA ALA A 33 0.96 -6.50 12.81
C ALA A 33 1.05 -5.53 11.64
N GLU A 34 0.29 -4.46 11.70
CA GLU A 34 0.20 -3.53 10.60
C GLU A 34 1.36 -2.55 10.64
N VAL A 35 2.23 -2.64 9.65
CA VAL A 35 3.40 -1.77 9.58
C VAL A 35 3.15 -0.67 8.57
N PHE A 36 3.48 0.57 8.94
CA PHE A 36 3.21 1.72 8.10
C PHE A 36 4.25 1.85 7.00
N PHE A 37 3.75 1.83 5.77
CA PHE A 37 4.56 2.04 4.59
C PHE A 37 4.07 3.31 3.91
N LYS A 38 4.74 3.75 2.87
CA LYS A 38 4.50 5.08 2.33
C LYS A 38 4.44 5.05 0.82
N ILE A 39 3.71 6.00 0.26
CA ILE A 39 3.64 6.18 -1.18
C ILE A 39 4.27 7.53 -1.52
N LYS A 40 5.11 7.55 -2.55
CA LYS A 40 5.90 8.74 -2.86
C LYS A 40 5.73 9.13 -4.32
N ARG A 41 6.06 8.22 -5.21
CA ARG A 41 5.83 8.41 -6.63
C ARG A 41 4.52 7.75 -6.99
N LYS A 42 4.08 7.85 -8.24
CA LYS A 42 2.90 7.09 -8.65
C LYS A 42 3.20 5.60 -8.55
N THR A 43 2.73 5.00 -7.47
CA THR A 43 3.01 3.63 -7.19
C THR A 43 1.78 2.91 -6.68
N LYS A 44 1.16 2.15 -7.57
CA LYS A 44 -0.01 1.36 -7.20
C LYS A 44 0.36 0.23 -6.25
N LEU A 45 -0.64 -0.60 -5.93
CA LEU A 45 -0.50 -1.61 -4.88
C LEU A 45 0.68 -2.55 -5.14
N GLU A 46 1.03 -2.71 -6.40
CA GLU A 46 2.12 -3.61 -6.80
C GLU A 46 3.44 -3.24 -6.12
N LYS A 47 3.66 -1.94 -5.93
CA LYS A 47 4.84 -1.46 -5.26
C LYS A 47 4.79 -1.80 -3.77
N LEU A 48 3.68 -1.42 -3.15
CA LEU A 48 3.50 -1.60 -1.71
C LEU A 48 3.51 -3.08 -1.33
N MET A 49 3.10 -3.93 -2.26
CA MET A 49 3.01 -5.36 -1.98
C MET A 49 4.35 -6.06 -2.20
N GLU A 50 5.10 -5.63 -3.22
CA GLU A 50 6.39 -6.25 -3.53
C GLU A 50 7.45 -5.91 -2.50
N VAL A 51 7.34 -4.74 -1.89
CA VAL A 51 8.26 -4.35 -0.84
C VAL A 51 8.13 -5.31 0.33
N TYR A 52 6.90 -5.71 0.61
CA TYR A 52 6.65 -6.65 1.69
C TYR A 52 6.96 -8.08 1.25
N CYS A 53 6.90 -8.35 -0.04
CA CYS A 53 7.38 -9.61 -0.59
C CYS A 53 8.82 -9.85 -0.14
N ASN A 54 9.64 -8.83 -0.32
CA ASN A 54 11.04 -8.88 0.08
C ASN A 54 11.17 -8.83 1.60
N ARG A 55 10.37 -7.99 2.23
CA ARG A 55 10.45 -7.76 3.67
C ARG A 55 10.07 -9.02 4.46
N LEU A 56 8.99 -9.66 4.06
CA LEU A 56 8.50 -10.82 4.79
C LEU A 56 9.15 -12.10 4.30
N GLY A 57 9.82 -12.02 3.15
CA GLY A 57 10.48 -13.20 2.59
C GLY A 57 9.50 -14.08 1.83
N GLN A 58 8.31 -13.55 1.60
CA GLN A 58 7.28 -14.27 0.88
C GLN A 58 6.66 -13.35 -0.15
N SER A 59 6.56 -13.82 -1.38
CA SER A 59 6.10 -12.98 -2.48
C SER A 59 4.58 -12.89 -2.54
N MET A 60 4.10 -11.89 -3.27
CA MET A 60 2.67 -11.58 -3.36
C MET A 60 1.88 -12.67 -4.07
N GLU A 61 2.58 -13.55 -4.79
CA GLU A 61 1.94 -14.66 -5.46
C GLU A 61 1.80 -15.85 -4.50
N ALA A 62 2.36 -15.70 -3.32
CA ALA A 62 2.30 -16.71 -2.27
C ALA A 62 1.52 -16.17 -1.08
N VAL A 63 1.51 -14.85 -0.95
CA VAL A 63 0.63 -14.17 -0.02
C VAL A 63 -0.17 -13.10 -0.76
N ARG A 64 -1.49 -13.27 -0.78
CA ARG A 64 -2.35 -12.39 -1.54
C ARG A 64 -2.74 -11.19 -0.69
N PHE A 65 -2.75 -10.03 -1.31
CA PHE A 65 -3.03 -8.79 -0.60
C PHE A 65 -4.46 -8.33 -0.81
N LEU A 66 -5.20 -8.25 0.29
CA LEU A 66 -6.55 -7.72 0.30
C LEU A 66 -6.50 -6.28 0.79
N TYR A 67 -7.07 -5.34 0.04
CA TYR A 67 -6.94 -3.95 0.42
C TYR A 67 -8.21 -3.48 1.10
N ASP A 68 -8.05 -2.95 2.31
CA ASP A 68 -9.16 -2.54 3.16
C ASP A 68 -10.13 -3.71 3.37
N GLY A 69 -9.58 -4.92 3.33
CA GLY A 69 -10.39 -6.11 3.55
C GLY A 69 -10.89 -6.74 2.26
N ASP A 70 -10.54 -6.15 1.12
CA ASP A 70 -11.00 -6.69 -0.16
C ASP A 70 -9.83 -6.90 -1.13
N ARG A 71 -9.61 -8.15 -1.48
CA ARG A 71 -8.57 -8.55 -2.42
C ARG A 71 -8.82 -8.04 -3.83
N ILE A 72 -7.77 -7.56 -4.47
CA ILE A 72 -7.86 -7.07 -5.83
C ILE A 72 -6.45 -6.99 -6.45
N HIS A 73 -6.38 -6.86 -7.77
CA HIS A 73 -5.10 -6.71 -8.46
C HIS A 73 -4.49 -5.33 -8.17
N GLY A 74 -3.17 -5.25 -8.29
CA GLY A 74 -2.44 -4.06 -7.88
C GLY A 74 -2.77 -2.83 -8.71
N ASP A 75 -3.23 -3.04 -9.94
CA ASP A 75 -3.53 -1.94 -10.85
C ASP A 75 -4.86 -1.28 -10.51
N ASN A 76 -5.48 -1.72 -9.43
CA ASN A 76 -6.76 -1.14 -9.00
C ASN A 76 -6.57 0.29 -8.54
N THR A 77 -5.45 0.53 -7.83
CA THR A 77 -5.08 1.83 -7.26
C THR A 77 -6.09 2.32 -6.21
N PRO A 78 -5.60 2.98 -5.15
CA PRO A 78 -6.45 3.49 -4.06
C PRO A 78 -7.40 4.60 -4.54
N GLU A 79 -6.87 5.50 -5.36
CA GLU A 79 -7.62 6.66 -5.84
C GLU A 79 -8.83 6.25 -6.69
N GLN A 80 -8.84 4.99 -7.12
CA GLN A 80 -9.93 4.45 -7.92
C GLN A 80 -11.26 4.53 -7.15
N LEU A 81 -11.19 4.28 -5.86
CA LEU A 81 -12.40 4.22 -5.04
C LEU A 81 -12.55 5.47 -4.19
N GLY A 82 -11.43 6.06 -3.82
CA GLY A 82 -11.45 7.23 -2.96
C GLY A 82 -10.78 6.92 -1.65
N ILE A 83 -10.66 5.64 -1.35
CA ILE A 83 -9.86 5.21 -0.21
C ILE A 83 -8.40 5.52 -0.49
N GLU A 84 -7.87 6.45 0.26
CA GLU A 84 -6.57 7.00 -0.04
C GLU A 84 -5.73 7.07 1.23
N ASP A 85 -4.78 8.02 1.27
CA ASP A 85 -3.82 8.17 2.38
C ASP A 85 -4.39 7.73 3.74
N GLY A 86 -3.83 6.66 4.27
CA GLY A 86 -4.34 6.09 5.50
C GLY A 86 -4.93 4.71 5.28
N ASP A 87 -4.79 4.21 4.05
CA ASP A 87 -5.36 2.94 3.65
C ASP A 87 -4.52 1.77 4.16
N VAL A 88 -5.04 0.56 4.03
CA VAL A 88 -4.37 -0.63 4.52
C VAL A 88 -4.48 -1.77 3.53
N ILE A 89 -3.51 -2.69 3.58
CA ILE A 89 -3.49 -3.84 2.70
C ILE A 89 -3.12 -5.08 3.50
N ASP A 90 -4.04 -6.01 3.59
CA ASP A 90 -3.90 -7.18 4.46
C ASP A 90 -3.48 -8.39 3.63
N ALA A 91 -2.41 -9.05 4.04
CA ALA A 91 -1.88 -10.17 3.27
C ALA A 91 -2.17 -11.51 3.95
N MET A 92 -2.68 -12.46 3.16
CA MET A 92 -2.88 -13.83 3.62
C MET A 92 -2.19 -14.80 2.67
N VAL A 93 -1.97 -16.03 3.11
CA VAL A 93 -1.30 -17.03 2.28
C VAL A 93 -2.16 -17.41 1.07
N GLN A 94 -1.88 -16.74 -0.07
CA GLN A 94 -2.59 -16.98 -1.34
C GLN A 94 -4.10 -17.08 -1.15
N GLN A 95 -4.64 -16.23 -0.29
CA GLN A 95 -6.06 -16.26 0.05
C GLN A 95 -6.91 -15.72 -1.10
N THR A 96 -6.99 -16.51 -2.17
CA THR A 96 -7.79 -16.21 -3.35
C THR A 96 -7.93 -17.48 -4.17
N GLY A 97 -6.83 -18.22 -4.25
CA GLY A 97 -6.83 -19.49 -4.95
C GLY A 97 -6.40 -20.61 -4.03
N GLY A 98 -7.06 -20.70 -2.88
CA GLY A 98 -6.70 -21.71 -1.91
C GLY A 98 -7.63 -22.89 -1.98
N MET A 1 -5.98 12.76 -7.30
CA MET A 1 -5.92 11.97 -8.54
C MET A 1 -5.00 12.64 -9.56
N GLY A 2 -3.85 12.02 -9.82
CA GLY A 2 -2.92 12.58 -10.76
C GLY A 2 -1.73 11.68 -11.02
N ASP A 3 -0.62 12.27 -11.42
CA ASP A 3 0.58 11.51 -11.75
C ASP A 3 1.81 12.37 -11.53
N ASP A 4 2.97 11.73 -11.42
CA ASP A 4 4.23 12.44 -11.28
C ASP A 4 4.79 12.79 -12.65
N ASP A 5 4.24 12.17 -13.68
CA ASP A 5 4.74 12.32 -15.04
C ASP A 5 4.59 13.75 -15.54
N SER A 6 3.58 14.43 -15.01
CA SER A 6 3.30 15.81 -15.39
C SER A 6 4.25 16.81 -14.70
N ALA A 7 5.03 16.31 -13.75
CA ALA A 7 5.97 17.15 -13.01
C ALA A 7 7.25 16.37 -12.72
N VAL A 8 7.70 15.60 -13.70
CA VAL A 8 8.83 14.70 -13.50
C VAL A 8 10.17 15.41 -13.72
N ASN A 9 10.86 15.67 -12.60
CA ASN A 9 12.24 16.16 -12.60
C ASN A 9 12.33 17.63 -13.02
N ASN A 10 13.44 18.28 -12.68
CA ASN A 10 13.71 19.69 -12.98
C ASN A 10 12.84 20.59 -12.10
N ASN A 11 11.55 20.63 -12.37
CA ASN A 11 10.63 21.45 -11.60
C ASN A 11 10.16 20.69 -10.37
N GLY A 12 10.74 21.03 -9.22
CA GLY A 12 10.43 20.33 -7.99
C GLY A 12 9.10 20.73 -7.41
N SER A 13 8.03 20.22 -7.98
CA SER A 13 6.68 20.48 -7.48
C SER A 13 6.29 19.43 -6.43
N SER A 14 7.26 18.62 -6.05
CA SER A 14 7.05 17.61 -5.03
C SER A 14 7.65 18.06 -3.70
N PRO A 15 6.79 18.40 -2.73
CA PRO A 15 7.24 18.83 -1.40
C PRO A 15 7.93 17.70 -0.63
N VAL A 16 8.57 18.07 0.47
CA VAL A 16 9.28 17.11 1.29
C VAL A 16 8.32 16.12 1.96
N ASN A 17 8.84 14.99 2.38
CA ASN A 17 8.04 13.97 3.05
C ASN A 17 7.50 14.52 4.38
N ASN A 18 6.41 13.89 4.86
CA ASN A 18 5.76 14.26 6.13
C ASN A 18 4.95 15.54 5.98
N GLN A 19 4.85 16.06 4.76
CA GLN A 19 4.04 17.24 4.49
C GLN A 19 2.61 16.85 4.16
N GLY A 20 2.34 15.56 4.11
CA GLY A 20 0.99 15.08 3.84
C GLY A 20 0.65 15.12 2.37
N GLU A 21 1.67 15.33 1.55
CA GLU A 21 1.49 15.39 0.10
C GLU A 21 1.53 13.97 -0.46
N HIS A 22 2.39 13.15 0.11
CA HIS A 22 2.50 11.76 -0.31
C HIS A 22 1.55 10.88 0.49
N ILE A 23 1.51 9.60 0.16
CA ILE A 23 0.49 8.71 0.68
C ILE A 23 1.08 7.74 1.70
N GLN A 24 0.22 7.20 2.54
CA GLN A 24 0.60 6.28 3.61
C GLN A 24 -0.52 5.25 3.80
N VAL A 25 -0.17 3.97 3.75
CA VAL A 25 -1.13 2.89 3.94
C VAL A 25 -0.51 1.78 4.78
N LYS A 26 -1.30 1.14 5.62
CA LYS A 26 -0.77 0.11 6.51
C LYS A 26 -1.15 -1.27 6.04
N VAL A 27 -0.16 -2.06 5.67
CA VAL A 27 -0.40 -3.40 5.20
C VAL A 27 -0.14 -4.34 6.34
N ARG A 28 -1.21 -4.81 6.95
CA ARG A 28 -1.09 -5.78 8.01
C ARG A 28 -0.65 -7.07 7.40
N SER A 29 0.57 -7.45 7.69
CA SER A 29 1.08 -8.69 7.16
C SER A 29 0.22 -9.85 7.71
N PRO A 30 0.32 -11.06 7.12
CA PRO A 30 -0.55 -12.20 7.49
C PRO A 30 -0.33 -12.70 8.91
N ASP A 31 0.26 -11.89 9.76
CA ASP A 31 0.59 -12.29 11.11
C ASP A 31 0.13 -11.26 12.12
N GLY A 32 -0.27 -10.10 11.64
CA GLY A 32 -0.71 -9.04 12.53
C GLY A 32 0.34 -7.95 12.67
N ALA A 33 1.46 -8.12 11.98
CA ALA A 33 2.50 -7.11 11.98
C ALA A 33 2.14 -6.01 10.99
N GLU A 34 1.57 -4.94 11.52
CA GLU A 34 1.08 -3.86 10.69
C GLU A 34 1.87 -2.59 10.95
N VAL A 35 2.86 -2.33 10.12
CA VAL A 35 3.65 -1.13 10.22
C VAL A 35 3.19 -0.16 9.15
N PHE A 36 3.22 1.14 9.45
CA PHE A 36 2.74 2.13 8.50
C PHE A 36 3.64 2.18 7.29
N PHE A 37 3.07 1.97 6.13
CA PHE A 37 3.82 2.01 4.90
C PHE A 37 3.40 3.25 4.12
N LYS A 38 4.10 3.60 3.05
CA LYS A 38 3.86 4.88 2.40
C LYS A 38 3.94 4.75 0.89
N ILE A 39 3.45 5.78 0.20
CA ILE A 39 3.53 5.88 -1.24
C ILE A 39 4.27 7.17 -1.61
N LYS A 40 5.20 7.09 -2.55
CA LYS A 40 6.04 8.25 -2.89
C LYS A 40 5.82 8.68 -4.33
N ARG A 41 6.41 7.94 -5.25
CA ARG A 41 6.22 8.18 -6.67
C ARG A 41 4.86 7.63 -7.08
N LYS A 42 4.46 7.80 -8.34
CA LYS A 42 3.28 7.11 -8.83
C LYS A 42 3.55 5.61 -8.74
N THR A 43 3.02 5.00 -7.71
CA THR A 43 3.30 3.62 -7.44
C THR A 43 2.04 2.87 -7.08
N LYS A 44 1.59 2.07 -8.02
CA LYS A 44 0.45 1.18 -7.83
C LYS A 44 0.63 0.33 -6.56
N LEU A 45 -0.44 -0.36 -6.19
CA LEU A 45 -0.41 -1.24 -5.02
C LEU A 45 0.60 -2.37 -5.22
N GLU A 46 1.09 -2.49 -6.46
CA GLU A 46 2.08 -3.49 -6.82
C GLU A 46 3.30 -3.42 -5.90
N LYS A 47 3.94 -2.25 -5.85
CA LYS A 47 5.19 -2.13 -5.10
C LYS A 47 4.92 -2.21 -3.60
N LEU A 48 3.69 -1.90 -3.20
CA LEU A 48 3.30 -1.96 -1.79
C LEU A 48 3.40 -3.39 -1.27
N MET A 49 3.06 -4.35 -2.13
CA MET A 49 3.17 -5.75 -1.76
C MET A 49 4.56 -6.29 -2.09
N GLU A 50 5.17 -5.79 -3.17
CA GLU A 50 6.46 -6.29 -3.62
C GLU A 50 7.57 -5.97 -2.63
N VAL A 51 7.47 -4.84 -1.94
CA VAL A 51 8.44 -4.53 -0.89
C VAL A 51 8.39 -5.60 0.20
N TYR A 52 7.20 -6.13 0.47
CA TYR A 52 7.07 -7.23 1.41
C TYR A 52 7.59 -8.52 0.79
N CYS A 53 7.23 -8.78 -0.47
CA CYS A 53 7.79 -9.91 -1.22
C CYS A 53 9.30 -9.93 -1.07
N ASN A 54 9.91 -8.76 -1.21
CA ASN A 54 11.35 -8.60 -1.07
C ASN A 54 11.78 -8.90 0.36
N ARG A 55 11.19 -8.19 1.33
CA ARG A 55 11.62 -8.26 2.72
C ARG A 55 11.34 -9.62 3.36
N LEU A 56 10.17 -10.16 3.11
CA LEU A 56 9.75 -11.40 3.74
C LEU A 56 10.41 -12.60 3.07
N GLY A 57 10.88 -12.41 1.84
CA GLY A 57 11.48 -13.50 1.10
C GLY A 57 10.42 -14.41 0.52
N GLN A 58 9.21 -13.89 0.42
CA GLN A 58 8.08 -14.64 -0.09
C GLN A 58 7.21 -13.70 -0.91
N SER A 59 6.86 -14.11 -2.12
CA SER A 59 6.15 -13.23 -3.03
C SER A 59 4.65 -13.25 -2.78
N MET A 60 3.95 -12.29 -3.37
CA MET A 60 2.53 -12.07 -3.14
C MET A 60 1.67 -13.26 -3.60
N GLU A 61 2.25 -14.14 -4.40
CA GLU A 61 1.57 -15.37 -4.81
C GLU A 61 1.22 -16.21 -3.58
N ALA A 62 1.96 -16.00 -2.49
CA ALA A 62 1.75 -16.71 -1.25
C ALA A 62 1.07 -15.82 -0.21
N VAL A 63 1.03 -14.52 -0.48
CA VAL A 63 0.36 -13.55 0.40
C VAL A 63 -0.30 -12.45 -0.42
N ARG A 64 -1.62 -12.51 -0.55
CA ARG A 64 -2.33 -11.54 -1.37
C ARG A 64 -2.88 -10.41 -0.50
N PHE A 65 -2.90 -9.21 -1.06
CA PHE A 65 -3.29 -8.02 -0.33
C PHE A 65 -4.77 -7.67 -0.51
N LEU A 66 -5.44 -7.39 0.59
CA LEU A 66 -6.83 -6.94 0.57
C LEU A 66 -6.92 -5.51 1.12
N TYR A 67 -7.29 -4.56 0.28
CA TYR A 67 -7.33 -3.17 0.73
C TYR A 67 -8.76 -2.73 0.98
N ASP A 68 -8.94 -1.98 2.07
CA ASP A 68 -10.28 -1.63 2.57
C ASP A 68 -11.11 -2.90 2.77
N GLY A 69 -10.43 -4.02 2.95
CA GLY A 69 -11.09 -5.29 3.18
C GLY A 69 -11.22 -6.14 1.92
N ASP A 70 -11.08 -5.54 0.74
CA ASP A 70 -11.27 -6.27 -0.51
C ASP A 70 -10.01 -6.30 -1.34
N ARG A 71 -9.52 -7.50 -1.63
CA ARG A 71 -8.36 -7.69 -2.47
C ARG A 71 -8.67 -7.33 -3.93
N ILE A 72 -7.69 -6.74 -4.59
CA ILE A 72 -7.76 -6.46 -6.02
C ILE A 72 -6.40 -6.67 -6.65
N HIS A 73 -6.21 -6.15 -7.86
CA HIS A 73 -4.90 -6.10 -8.48
C HIS A 73 -4.31 -4.71 -8.25
N GLY A 74 -3.01 -4.66 -7.98
CA GLY A 74 -2.37 -3.41 -7.60
C GLY A 74 -2.47 -2.33 -8.65
N ASP A 75 -2.66 -2.75 -9.89
CA ASP A 75 -2.73 -1.83 -11.02
C ASP A 75 -3.93 -0.88 -10.92
N ASN A 76 -4.96 -1.27 -10.18
CA ASN A 76 -6.17 -0.46 -10.10
C ASN A 76 -5.95 0.78 -9.22
N THR A 77 -4.91 0.73 -8.39
CA THR A 77 -4.50 1.84 -7.50
C THR A 77 -5.58 2.27 -6.50
N PRO A 78 -5.16 2.80 -5.33
CA PRO A 78 -6.07 3.20 -4.26
C PRO A 78 -6.94 4.42 -4.62
N GLU A 79 -6.40 5.34 -5.41
CA GLU A 79 -7.13 6.55 -5.77
C GLU A 79 -8.40 6.24 -6.56
N GLN A 80 -8.49 5.03 -7.05
CA GLN A 80 -9.67 4.57 -7.77
C GLN A 80 -10.87 4.43 -6.83
N LEU A 81 -10.61 4.12 -5.57
CA LEU A 81 -11.70 3.80 -4.65
C LEU A 81 -12.17 5.05 -3.91
N GLY A 82 -11.28 5.99 -3.68
CA GLY A 82 -11.65 7.19 -2.97
C GLY A 82 -11.04 7.20 -1.59
N ILE A 83 -10.65 6.01 -1.14
CA ILE A 83 -9.86 5.89 0.05
C ILE A 83 -8.40 6.08 -0.33
N GLU A 84 -7.62 6.62 0.58
CA GLU A 84 -6.24 6.93 0.32
C GLU A 84 -5.51 6.94 1.65
N ASP A 85 -4.47 7.75 1.79
CA ASP A 85 -3.63 7.79 3.00
C ASP A 85 -4.44 7.57 4.28
N GLY A 86 -4.17 6.44 4.94
CA GLY A 86 -4.91 6.09 6.13
C GLY A 86 -5.65 4.78 5.95
N ASP A 87 -5.61 4.24 4.74
CA ASP A 87 -6.21 2.93 4.46
C ASP A 87 -5.27 1.82 4.90
N VAL A 88 -5.81 0.61 5.05
CA VAL A 88 -5.02 -0.52 5.45
C VAL A 88 -5.25 -1.70 4.52
N ILE A 89 -4.27 -2.56 4.44
CA ILE A 89 -4.29 -3.68 3.52
C ILE A 89 -3.93 -4.96 4.26
N ASP A 90 -4.77 -5.96 4.16
CA ASP A 90 -4.54 -7.22 4.86
C ASP A 90 -3.95 -8.26 3.93
N ALA A 91 -2.92 -8.95 4.39
CA ALA A 91 -2.31 -10.00 3.60
C ALA A 91 -2.81 -11.37 4.04
N MET A 92 -3.45 -12.07 3.12
CA MET A 92 -3.92 -13.43 3.39
C MET A 92 -2.99 -14.44 2.72
N VAL A 93 -2.91 -15.64 3.28
CA VAL A 93 -2.04 -16.68 2.75
C VAL A 93 -2.58 -17.20 1.42
N GLN A 94 -2.04 -16.63 0.33
CA GLN A 94 -2.46 -16.96 -1.03
C GLN A 94 -3.96 -16.72 -1.20
N GLN A 95 -4.52 -15.86 -0.36
CA GLN A 95 -5.96 -15.60 -0.33
C GLN A 95 -6.71 -16.87 0.09
N THR A 96 -6.70 -17.13 1.41
CA THR A 96 -7.40 -18.26 2.03
C THR A 96 -6.95 -19.62 1.49
N GLY A 97 -5.87 -19.65 0.72
CA GLY A 97 -5.38 -20.89 0.17
C GLY A 97 -5.43 -20.92 -1.34
N GLY A 98 -4.30 -20.66 -1.96
CA GLY A 98 -4.22 -20.63 -3.41
C GLY A 98 -3.72 -21.95 -3.98
#